data_6XQB
#
_entry.id   6XQB
#
_cell.length_a   1.00
_cell.length_b   1.00
_cell.length_c   1.00
_cell.angle_alpha   90.00
_cell.angle_beta   90.00
_cell.angle_gamma   90.00
#
_symmetry.space_group_name_H-M   'P 1'
#
loop_
_entity.id
_entity.type
_entity.pdbx_description
1 polymer 'RNA-directed RNA polymerase'
2 polymer 'Non-structural protein 8'
3 polymer 'Non-structural protein 7'
4 polymer "RNA (5'-R(*GP*UP*GP*GP*GP*CP*CP*CP*A)-3')"
5 non-polymer 'ZINC ION'
6 non-polymer 'MAGNESIUM ION'
#
loop_
_entity_poly.entity_id
_entity_poly.type
_entity_poly.pdbx_seq_one_letter_code
_entity_poly.pdbx_strand_id
1 'polypeptide(L)'
;MSADAQSFLNRVCGVSAARLTPCGTGTSTDVVYRAFDIYNDKVAGFAKFLKTNCCRFQEKDEDDNLIDSYFVVKRHTFSN
YQHEETIYNLLKDCPAVAKHDFFKFRIDGDMVPHISRQRLTKYTMADLVYALRHFDEGNCDTLKEILVTYNCCDDDYFNK
KDWYDFVENPDILRVYANLGERVRQALLKTVQFCDAMRNAGIVGVLTLDNQDLNGNWYDFGDFIQTTPGSGVPVVDSYYS
LLMPILTLTRALTAESHVDTDLTKPYIKWDLLKYDFTEERLKLFDRYFKYWDQTYHPNCVNCLDDRCILHCANFNVLFST
VFPPTSFGPLVRKIFVDGVPFVVSTGYHFRELGVVHNQDVNLHSSRLSFKELLVYAADPAMHAASGNLLLDKRTTCFSVA
ALTNNVAFQTVKPGNFNKDFYDFAVSKGFFKEGSSVELKHFFFAQDGNAAISDYDYYRYNLPTMCDIRQLLFVVEVVDKY
FDCYDGGCINANQVIVNNLDKSAGFPFNKWGKARLYYDSMSYEDQDALFAYTKRNVIPTITQMNLKYAISAKNRARTVAG
VSICSTMTNRQFHQKLLKSIAATRGATVVIGTSKFYGGWHNMLKTVYSDVENPHLMGWDYPKCDRAMPNMLRIMASLVLA
RKHTTCCSLSHRFYRLANECAQVLSEMVMCGGSLYVKPGGTSSGDATTAYANSVFNICQAVTANVNALLSTDGNKIADKY
VRNLQHRLYECLYRNRDVDTDFVNEFYAYLRKHFSMMILSDDAVVCFNSTYASQGLVASIKNFKSVLYYQNNVFMSEAKC
WTETDLTKGPHEFCSQHTMLVKQGDDYVYLPYPDPSRILGAGCFVDDIVKTDGTLMIERFVSLAIDAYPLTKHPNQEYAD
VFHLYLQYIRKLHDELTGHMLDMYSVMLTNDNTSRYWEPEFYEAMYTPHTVLQLEHHHHHH
;
A
2 'polypeptide(L)'
;MAIASEFSSLPSYAAFATAQEAYEQAVANGDSEVVLKKLKKSLNVAKSEFDRDAAMQRKLEKMADQAMTQMYKQARSEDK
RAKVTSAMQTMLFTMLRKLDNDALNNIINNARDGCVPLNIIPLTTAAKLMVVIPDYNTYKNTCDGTTFTYASALWEIQQV
VDADSKIVQLSEISMDNSPNLAWPLIVTALRANSAVKLQLEHHHHHH
;
B,D
3 'polypeptide(L)'
;MSKMSDVKCTSVVLLSVLQQLRVESSSKLWAQCVQLHNDILLAKDTTEAFEKMVSLLSVLLSMQGAVDINKLCEEMLDNR
ATLQLEHHHHHH
;
C
4 'polyribonucleotide' GUGGGCCCA E,F
#
# COMPACT_ATOMS: atom_id res chain seq x y z
N VAL A 32 -16.30 -37.37 -9.72
CA VAL A 32 -16.88 -36.07 -9.41
C VAL A 32 -16.05 -34.99 -10.09
N TYR A 33 -16.26 -33.72 -9.75
CA TYR A 33 -15.64 -32.64 -10.51
C TYR A 33 -14.13 -32.62 -10.27
N ARG A 34 -13.40 -32.80 -11.37
CA ARG A 34 -11.97 -32.57 -11.46
C ARG A 34 -11.81 -31.27 -12.25
N ALA A 35 -10.96 -30.37 -11.76
CA ALA A 35 -10.73 -29.12 -12.47
C ALA A 35 -9.69 -29.32 -13.57
N PHE A 36 -10.06 -28.93 -14.79
CA PHE A 36 -9.24 -29.15 -15.97
C PHE A 36 -9.01 -27.83 -16.70
N ASP A 37 -7.82 -27.71 -17.28
CA ASP A 37 -7.56 -26.80 -18.39
C ASP A 37 -7.88 -27.53 -19.69
N ILE A 38 -9.01 -27.19 -20.30
CA ILE A 38 -9.49 -27.86 -21.51
C ILE A 38 -9.03 -27.09 -22.74
N TYR A 39 -8.73 -27.83 -23.80
CA TYR A 39 -8.21 -27.26 -25.03
C TYR A 39 -8.57 -28.15 -26.21
N VAL A 43 -14.26 -26.52 -26.56
CA VAL A 43 -14.07 -26.12 -25.17
C VAL A 43 -12.61 -25.66 -25.03
N ALA A 44 -12.41 -24.46 -24.50
CA ALA A 44 -11.10 -23.83 -24.45
C ALA A 44 -11.06 -22.89 -23.25
N GLY A 45 -10.44 -23.35 -22.17
CA GLY A 45 -10.41 -22.58 -20.95
C GLY A 45 -9.96 -23.44 -19.79
N PHE A 46 -10.52 -23.17 -18.61
CA PHE A 46 -10.09 -23.83 -17.37
C PHE A 46 -11.18 -23.73 -16.31
N ALA A 47 -11.81 -24.87 -15.94
CA ALA A 47 -12.82 -24.88 -14.88
C ALA A 47 -13.12 -26.33 -14.49
N LYS A 48 -14.18 -26.51 -13.71
CA LYS A 48 -14.53 -27.82 -13.17
C LYS A 48 -15.25 -28.67 -14.21
N PHE A 49 -15.04 -29.99 -14.14
CA PHE A 49 -15.71 -30.93 -15.03
C PHE A 49 -15.91 -32.26 -14.30
N LEU A 50 -17.13 -32.79 -14.35
CA LEU A 50 -17.45 -33.99 -13.59
C LEU A 50 -16.68 -35.19 -14.13
N LYS A 51 -15.68 -35.64 -13.36
CA LYS A 51 -14.94 -36.87 -13.68
C LYS A 51 -14.82 -37.77 -12.45
N ARG A 119 -1.02 -45.16 -7.19
CA ARG A 119 -0.16 -44.85 -8.32
C ARG A 119 -0.19 -43.36 -8.62
N LEU A 120 -1.39 -42.82 -8.71
CA LEU A 120 -1.63 -41.41 -8.96
C LEU A 120 -1.90 -40.70 -7.64
N THR A 121 -2.34 -39.46 -7.74
CA THR A 121 -3.10 -38.80 -6.68
C THR A 121 -4.53 -38.61 -7.13
N LYS A 122 -5.46 -38.71 -6.18
CA LYS A 122 -6.86 -38.55 -6.50
C LYS A 122 -7.17 -37.10 -6.88
N TYR A 123 -6.41 -36.15 -6.35
CA TYR A 123 -6.37 -34.78 -6.81
C TYR A 123 -5.04 -34.51 -7.50
N THR A 124 -5.04 -33.50 -8.39
CA THR A 124 -3.87 -33.15 -9.20
C THR A 124 -3.40 -31.75 -8.80
N MET A 125 -2.22 -31.38 -9.31
CA MET A 125 -1.76 -29.99 -9.23
C MET A 125 -2.78 -29.03 -9.85
N ALA A 126 -3.56 -29.53 -10.82
CA ALA A 126 -4.62 -28.74 -11.41
C ALA A 126 -5.72 -28.46 -10.40
N ASP A 127 -6.17 -29.49 -9.69
CA ASP A 127 -7.17 -29.30 -8.63
C ASP A 127 -6.65 -28.30 -7.60
N LEU A 128 -5.37 -28.44 -7.24
CA LEU A 128 -4.72 -27.54 -6.31
C LEU A 128 -4.83 -26.09 -6.77
N VAL A 129 -4.20 -25.77 -7.91
CA VAL A 129 -4.25 -24.37 -8.35
C VAL A 129 -5.69 -23.95 -8.63
N TYR A 130 -6.56 -24.88 -8.95
CA TYR A 130 -7.92 -24.47 -9.23
C TYR A 130 -8.59 -23.92 -7.98
N ALA A 131 -8.49 -24.63 -6.86
CA ALA A 131 -9.04 -24.07 -5.61
C ALA A 131 -8.19 -22.91 -5.08
N LEU A 132 -6.93 -22.82 -5.49
CA LEU A 132 -6.17 -21.60 -5.21
C LEU A 132 -6.86 -20.39 -5.82
N ARG A 133 -7.44 -20.55 -7.00
CA ARG A 133 -7.68 -19.41 -7.87
C ARG A 133 -9.15 -19.19 -8.21
N HIS A 134 -10.07 -19.78 -7.45
CA HIS A 134 -11.45 -19.27 -7.36
C HIS A 134 -11.93 -19.33 -5.92
N PHE A 135 -11.17 -18.72 -5.01
CA PHE A 135 -11.48 -18.81 -3.59
C PHE A 135 -12.83 -18.19 -3.30
N ASP A 136 -13.79 -19.07 -3.06
CA ASP A 136 -15.13 -18.72 -2.62
C ASP A 136 -15.21 -19.15 -1.15
N GLU A 137 -15.01 -18.19 -0.25
CA GLU A 137 -14.81 -18.51 1.17
C GLU A 137 -15.98 -19.30 1.71
N GLY A 138 -15.67 -20.44 2.32
CA GLY A 138 -16.68 -21.43 2.65
C GLY A 138 -16.67 -22.55 1.63
N ASN A 139 -16.49 -22.17 0.36
CA ASN A 139 -16.41 -23.09 -0.77
C ASN A 139 -14.95 -23.23 -1.22
N CYS A 140 -14.06 -23.38 -0.25
CA CYS A 140 -12.61 -23.29 -0.44
C CYS A 140 -11.92 -24.62 -0.20
N ASP A 141 -12.44 -25.68 -0.83
CA ASP A 141 -12.21 -27.03 -0.34
C ASP A 141 -10.83 -27.56 -0.69
N THR A 142 -10.55 -27.77 -1.99
CA THR A 142 -9.35 -28.52 -2.36
C THR A 142 -8.09 -27.76 -1.98
N LEU A 143 -8.22 -26.44 -1.87
CA LEU A 143 -7.21 -25.61 -1.22
C LEU A 143 -6.75 -26.25 0.09
N LYS A 144 -7.69 -26.40 1.03
CA LYS A 144 -7.38 -27.01 2.30
C LYS A 144 -7.02 -28.48 2.14
N GLU A 145 -7.63 -29.16 1.17
CA GLU A 145 -7.43 -30.60 1.06
C GLU A 145 -5.98 -30.91 0.78
N ILE A 146 -5.38 -30.15 -0.13
CA ILE A 146 -4.01 -30.41 -0.51
C ILE A 146 -3.05 -29.68 0.43
N LEU A 147 -3.53 -28.68 1.19
CA LEU A 147 -2.76 -28.23 2.35
C LEU A 147 -2.59 -29.35 3.39
N VAL A 148 -3.69 -29.83 3.93
CA VAL A 148 -3.64 -30.84 4.99
C VAL A 148 -3.08 -32.16 4.47
N THR A 149 -3.20 -32.40 3.16
CA THR A 149 -2.70 -33.64 2.58
C THR A 149 -1.23 -33.83 2.81
N TYR A 150 -0.47 -32.73 2.89
CA TYR A 150 0.97 -32.80 3.04
C TYR A 150 1.43 -32.15 4.34
N ASN A 151 0.61 -32.25 5.39
CA ASN A 151 0.93 -31.72 6.71
C ASN A 151 1.36 -30.26 6.67
N CYS A 152 0.71 -29.47 5.81
CA CYS A 152 1.04 -28.06 5.73
C CYS A 152 0.31 -27.25 6.78
N CYS A 153 -0.92 -27.64 7.09
CA CYS A 153 -1.61 -27.02 8.21
C CYS A 153 -2.68 -27.97 8.71
N ASP A 154 -2.97 -27.87 10.01
CA ASP A 154 -4.02 -28.67 10.62
C ASP A 154 -5.35 -27.94 10.56
N ASP A 155 -6.39 -28.71 10.23
CA ASP A 155 -7.72 -28.13 10.01
C ASP A 155 -8.23 -27.44 11.27
N ASP A 156 -7.86 -27.94 12.44
CA ASP A 156 -8.31 -27.36 13.69
C ASP A 156 -7.78 -25.95 13.91
N TYR A 157 -6.73 -25.58 13.20
CA TYR A 157 -6.22 -24.22 13.26
C TYR A 157 -7.12 -23.24 12.52
N PHE A 158 -7.88 -23.74 11.56
CA PHE A 158 -8.83 -22.93 10.81
C PHE A 158 -10.13 -22.69 11.57
N ASN A 159 -10.35 -23.36 12.70
CA ASN A 159 -11.45 -22.98 13.57
C ASN A 159 -11.22 -21.60 14.19
N LYS A 160 -10.00 -21.08 14.12
CA LYS A 160 -9.70 -19.72 14.50
C LYS A 160 -10.22 -18.76 13.45
N LYS A 161 -10.40 -17.51 13.85
CA LYS A 161 -10.74 -16.46 12.91
C LYS A 161 -9.55 -16.12 12.03
N ASP A 162 -9.83 -15.44 10.92
CA ASP A 162 -8.84 -14.73 10.13
C ASP A 162 -7.75 -15.65 9.59
N TRP A 163 -8.03 -16.95 9.50
CA TRP A 163 -7.02 -17.86 8.99
C TRP A 163 -6.71 -17.56 7.56
N TYR A 164 -7.72 -17.18 6.81
CA TYR A 164 -7.59 -16.81 5.42
C TYR A 164 -7.52 -15.32 5.25
N ASP A 165 -7.09 -14.61 6.27
CA ASP A 165 -6.68 -13.23 6.15
C ASP A 165 -5.17 -13.18 6.02
N PHE A 166 -4.71 -12.52 4.96
CA PHE A 166 -3.31 -12.15 4.79
C PHE A 166 -2.98 -10.85 5.52
N VAL A 167 -3.90 -10.34 6.33
CA VAL A 167 -3.75 -9.06 7.02
C VAL A 167 -3.82 -9.22 8.53
N GLU A 168 -4.58 -10.19 8.99
CA GLU A 168 -4.51 -10.61 10.38
C GLU A 168 -4.33 -12.12 10.36
N ASN A 169 -3.52 -12.62 11.27
CA ASN A 169 -2.97 -13.96 11.20
C ASN A 169 -2.07 -14.11 9.98
N PRO A 170 -0.92 -13.45 9.96
CA PRO A 170 0.04 -13.72 8.88
C PRO A 170 0.77 -15.05 8.98
N ASP A 171 0.34 -15.94 9.86
CA ASP A 171 0.96 -17.25 9.96
C ASP A 171 0.73 -18.09 8.70
N ILE A 172 -0.21 -17.70 7.84
CA ILE A 172 -0.51 -18.52 6.66
C ILE A 172 0.68 -18.54 5.71
N LEU A 173 1.59 -17.57 5.86
CA LEU A 173 2.92 -17.68 5.31
C LEU A 173 3.49 -19.06 5.56
N ARG A 174 3.28 -19.56 6.77
CA ARG A 174 3.77 -20.88 7.14
C ARG A 174 3.04 -21.94 6.34
N VAL A 175 1.71 -21.89 6.40
CA VAL A 175 0.86 -22.92 5.81
C VAL A 175 1.17 -23.08 4.34
N TYR A 176 1.56 -21.99 3.70
CA TYR A 176 1.71 -21.98 2.26
C TYR A 176 3.16 -22.27 1.86
N ALA A 177 4.13 -21.59 2.47
CA ALA A 177 5.53 -21.98 2.32
C ALA A 177 5.80 -23.43 2.70
N ASN A 178 4.88 -24.10 3.39
CA ASN A 178 4.98 -25.55 3.54
C ASN A 178 5.12 -26.27 2.20
N LEU A 179 4.32 -25.90 1.18
CA LEU A 179 4.26 -26.64 -0.08
C LEU A 179 5.25 -26.16 -1.13
N GLY A 180 6.24 -25.36 -0.72
CA GLY A 180 7.09 -24.69 -1.69
C GLY A 180 7.89 -25.65 -2.55
N GLU A 181 8.45 -26.68 -1.95
CA GLU A 181 9.26 -27.60 -2.76
C GLU A 181 8.36 -28.48 -3.61
N ARG A 182 7.12 -28.76 -3.18
CA ARG A 182 6.25 -29.51 -4.08
C ARG A 182 5.90 -28.67 -5.29
N VAL A 183 5.89 -27.36 -5.13
CA VAL A 183 5.83 -26.52 -6.32
C VAL A 183 7.08 -26.69 -7.16
N ARG A 184 8.22 -26.34 -6.58
CA ARG A 184 9.49 -26.30 -7.30
C ARG A 184 9.76 -27.58 -8.08
N GLN A 185 9.56 -28.74 -7.44
CA GLN A 185 9.88 -30.01 -8.06
C GLN A 185 9.13 -30.21 -9.37
N ALA A 186 7.89 -29.73 -9.45
CA ALA A 186 7.13 -29.93 -10.67
C ALA A 186 7.55 -28.99 -11.77
N LEU A 187 7.99 -27.78 -11.43
CA LEU A 187 8.57 -26.86 -12.41
C LEU A 187 9.79 -27.50 -13.11
N LEU A 188 10.68 -28.06 -12.30
CA LEU A 188 11.87 -28.69 -12.84
C LEU A 188 11.50 -29.95 -13.61
N LYS A 189 10.57 -30.72 -13.07
CA LYS A 189 9.98 -31.83 -13.80
C LYS A 189 9.48 -31.37 -15.15
N THR A 190 8.98 -30.16 -15.21
CA THR A 190 8.28 -29.71 -16.41
C THR A 190 9.28 -29.28 -17.46
N VAL A 191 10.37 -28.64 -17.03
CA VAL A 191 11.50 -28.45 -17.94
C VAL A 191 12.13 -29.75 -18.43
N GLN A 192 12.41 -30.71 -17.54
CA GLN A 192 12.96 -31.98 -17.98
C GLN A 192 11.94 -32.74 -18.83
N PHE A 193 10.66 -32.46 -18.65
CA PHE A 193 9.62 -33.06 -19.49
C PHE A 193 9.61 -32.40 -20.86
N CYS A 194 9.81 -31.10 -20.90
CA CYS A 194 9.96 -30.42 -22.18
C CYS A 194 11.18 -30.95 -22.93
N ASP A 195 12.27 -31.21 -22.21
CA ASP A 195 13.38 -31.95 -22.79
C ASP A 195 12.91 -33.29 -23.35
N ALA A 196 12.35 -34.14 -22.50
CA ALA A 196 12.03 -35.52 -22.86
C ALA A 196 10.91 -35.57 -23.89
N MET A 197 10.30 -34.42 -24.19
CA MET A 197 9.49 -34.30 -25.39
C MET A 197 10.32 -33.83 -26.57
N ARG A 198 11.19 -32.84 -26.37
CA ARG A 198 11.87 -32.20 -27.48
C ARG A 198 12.76 -33.18 -28.21
N ASN A 199 13.56 -33.91 -27.45
CA ASN A 199 14.37 -34.96 -28.04
C ASN A 199 13.59 -36.24 -28.28
N ALA A 200 12.31 -36.31 -27.89
CA ALA A 200 11.44 -37.42 -28.23
C ALA A 200 10.65 -37.19 -29.51
N GLY A 201 10.70 -35.98 -30.07
CA GLY A 201 9.98 -35.71 -31.30
C GLY A 201 8.47 -35.85 -31.12
N ILE A 202 7.91 -35.06 -30.20
CA ILE A 202 6.49 -35.10 -29.90
C ILE A 202 6.03 -33.65 -29.73
N VAL A 203 5.31 -33.15 -30.74
CA VAL A 203 4.86 -31.75 -30.77
C VAL A 203 3.35 -31.73 -30.55
N GLY A 204 2.95 -31.68 -29.29
CA GLY A 204 1.59 -31.37 -28.93
C GLY A 204 1.62 -30.50 -27.70
N VAL A 205 0.60 -29.75 -27.53
CA VAL A 205 0.57 -28.72 -26.52
C VAL A 205 0.20 -29.34 -25.16
N LEU A 206 0.57 -28.64 -24.09
CA LEU A 206 0.75 -29.23 -22.76
C LEU A 206 -0.38 -28.83 -21.82
N THR A 207 -0.52 -29.58 -20.73
CA THR A 207 -1.56 -29.32 -19.74
C THR A 207 -1.18 -30.02 -18.43
N LEU A 208 -1.67 -29.50 -17.32
CA LEU A 208 -1.32 -29.96 -15.98
C LEU A 208 -2.15 -31.11 -15.42
N ASP A 209 -3.35 -31.34 -15.96
CA ASP A 209 -4.20 -32.43 -15.49
C ASP A 209 -3.49 -33.77 -15.57
N ASN A 210 -2.55 -33.92 -16.48
CA ASN A 210 -1.69 -35.09 -16.51
C ASN A 210 -0.64 -35.08 -15.41
N GLN A 211 -0.47 -33.96 -14.69
CA GLN A 211 0.64 -33.83 -13.76
C GLN A 211 0.14 -34.05 -12.35
N ASP A 212 0.81 -34.96 -11.66
CA ASP A 212 0.47 -35.35 -10.30
C ASP A 212 0.92 -34.29 -9.30
N LEU A 213 0.31 -34.31 -8.11
CA LEU A 213 0.87 -33.57 -6.99
C LEU A 213 2.30 -34.01 -6.74
N ASN A 214 2.60 -35.29 -6.99
CA ASN A 214 3.97 -35.77 -7.01
C ASN A 214 4.84 -34.94 -7.93
N GLY A 215 4.27 -34.53 -9.06
CA GLY A 215 4.99 -33.77 -10.07
C GLY A 215 5.07 -34.46 -11.41
N ASN A 216 4.90 -35.78 -11.48
CA ASN A 216 5.31 -36.48 -12.70
C ASN A 216 4.13 -36.70 -13.63
N TRP A 217 4.31 -37.54 -14.65
CA TRP A 217 3.63 -37.37 -15.92
C TRP A 217 3.39 -38.71 -16.60
N TYR A 218 2.40 -38.72 -17.47
CA TYR A 218 1.99 -39.86 -18.29
C TYR A 218 0.93 -39.33 -19.28
N ASP A 219 0.31 -40.23 -20.06
CA ASP A 219 -0.93 -39.94 -20.78
C ASP A 219 -0.74 -38.96 -21.94
N PHE A 220 -0.03 -39.40 -22.98
CA PHE A 220 0.33 -38.54 -24.13
C PHE A 220 -0.66 -38.93 -25.24
N GLY A 221 -1.74 -38.16 -25.40
CA GLY A 221 -2.89 -38.62 -26.16
C GLY A 221 -3.24 -37.92 -27.47
N ASP A 222 -3.13 -36.59 -27.51
CA ASP A 222 -3.42 -35.82 -28.72
C ASP A 222 -2.15 -35.14 -29.21
N PHE A 223 -1.02 -35.77 -28.95
CA PHE A 223 0.29 -35.21 -29.26
C PHE A 223 0.69 -35.72 -30.64
N ILE A 224 1.26 -34.81 -31.43
CA ILE A 224 1.70 -35.15 -32.78
C ILE A 224 3.14 -35.64 -32.70
N GLN A 225 3.46 -36.67 -33.48
CA GLN A 225 4.81 -37.23 -33.46
C GLN A 225 5.67 -36.58 -34.54
N THR A 226 6.85 -36.11 -34.14
CA THR A 226 7.81 -35.49 -35.05
C THR A 226 9.14 -36.24 -35.05
N GLY A 231 11.69 -30.65 -31.29
CA GLY A 231 10.43 -29.93 -31.32
C GLY A 231 10.40 -28.71 -30.42
N VAL A 232 9.21 -28.20 -30.13
CA VAL A 232 9.01 -27.12 -29.16
C VAL A 232 7.72 -27.43 -28.40
N PRO A 233 7.74 -28.34 -27.40
CA PRO A 233 6.57 -28.53 -26.53
C PRO A 233 6.23 -27.26 -25.79
N VAL A 234 5.05 -26.71 -26.05
CA VAL A 234 4.66 -25.39 -25.57
C VAL A 234 4.23 -25.50 -24.12
N VAL A 235 4.97 -24.86 -23.24
CA VAL A 235 4.55 -24.75 -21.85
C VAL A 235 3.40 -23.81 -21.66
N ASP A 236 3.29 -22.78 -22.52
CA ASP A 236 2.91 -21.45 -22.09
C ASP A 236 1.68 -21.45 -21.17
N SER A 237 0.78 -22.41 -21.36
CA SER A 237 -0.35 -22.57 -20.45
C SER A 237 0.12 -22.91 -19.06
N TYR A 238 1.08 -23.82 -18.97
CA TYR A 238 1.63 -24.25 -17.69
C TYR A 238 2.05 -23.07 -16.81
N TYR A 239 2.87 -22.15 -17.35
CA TYR A 239 3.34 -21.05 -16.50
C TYR A 239 2.30 -19.95 -16.47
N SER A 240 1.66 -19.69 -17.60
CA SER A 240 0.51 -18.79 -17.60
C SER A 240 -0.60 -19.26 -16.66
N LEU A 241 -0.51 -20.49 -16.15
CA LEU A 241 -1.31 -20.98 -15.05
C LEU A 241 -0.60 -20.74 -13.73
N LEU A 242 0.50 -21.42 -13.55
CA LEU A 242 1.19 -21.52 -12.28
C LEU A 242 2.25 -20.46 -12.12
N MET A 243 2.04 -19.24 -12.66
CA MET A 243 2.99 -18.15 -12.46
C MET A 243 2.83 -17.41 -11.14
N PRO A 244 1.66 -16.85 -10.81
CA PRO A 244 1.59 -15.91 -9.68
C PRO A 244 1.63 -16.58 -8.32
N ILE A 245 1.37 -17.88 -8.30
CA ILE A 245 1.26 -18.67 -7.10
C ILE A 245 2.60 -19.21 -6.65
N LEU A 246 3.68 -18.64 -7.19
CA LEU A 246 5.01 -19.17 -7.01
C LEU A 246 5.75 -18.39 -5.94
N THR A 247 5.45 -17.09 -5.83
CA THR A 247 5.78 -16.36 -4.62
C THR A 247 4.81 -16.67 -3.49
N LEU A 248 3.60 -17.16 -3.82
CA LEU A 248 2.57 -17.51 -2.84
C LEU A 248 3.07 -18.51 -1.79
N THR A 249 4.21 -19.18 -2.03
CA THR A 249 4.90 -20.00 -1.03
C THR A 249 6.37 -19.67 -0.93
N ARG A 250 6.91 -18.81 -1.78
CA ARG A 250 8.32 -18.78 -2.10
C ARG A 250 8.83 -20.20 -2.35
N ALA A 251 8.29 -20.77 -3.43
CA ALA A 251 8.54 -22.16 -3.77
C ALA A 251 9.99 -22.43 -4.08
N LEU A 252 10.70 -21.45 -4.62
CA LEU A 252 12.09 -21.62 -5.01
C LEU A 252 13.04 -21.13 -3.92
N THR A 253 12.62 -21.32 -2.67
CA THR A 253 13.52 -21.23 -1.52
C THR A 253 14.60 -22.30 -1.54
N ALA A 254 14.43 -23.36 -2.32
CA ALA A 254 15.43 -24.43 -2.39
C ALA A 254 16.80 -23.87 -2.76
N GLU A 255 16.85 -23.04 -3.80
CA GLU A 255 18.12 -22.63 -4.38
C GLU A 255 18.96 -21.76 -3.44
N SER A 256 18.39 -21.29 -2.33
CA SER A 256 19.18 -20.45 -1.43
C SER A 256 20.10 -21.24 -0.52
N HIS A 257 19.83 -22.54 -0.30
CA HIS A 257 20.72 -23.39 0.48
C HIS A 257 21.92 -23.78 -0.35
N VAL A 258 22.97 -24.20 0.35
CA VAL A 258 24.11 -24.76 -0.36
C VAL A 258 23.65 -26.07 -0.95
N ASP A 259 24.06 -26.33 -2.19
CA ASP A 259 23.64 -27.52 -2.94
C ASP A 259 22.13 -27.55 -3.16
N THR A 260 21.47 -26.39 -3.03
CA THR A 260 20.02 -26.21 -3.16
C THR A 260 19.23 -27.37 -2.54
N ASP A 261 19.56 -27.68 -1.29
CA ASP A 261 18.89 -28.73 -0.53
C ASP A 261 18.31 -28.10 0.73
N LEU A 262 17.07 -28.46 1.04
CA LEU A 262 16.32 -27.80 2.10
C LEU A 262 17.00 -27.92 3.47
N THR A 263 17.79 -28.97 3.69
CA THR A 263 18.26 -29.34 5.02
C THR A 263 19.66 -28.83 5.34
N LYS A 264 20.01 -27.65 4.88
CA LYS A 264 21.40 -27.21 4.86
C LYS A 264 21.55 -25.82 5.46
N PRO A 265 22.77 -25.35 5.71
CA PRO A 265 22.92 -23.94 6.07
C PRO A 265 22.65 -23.05 4.88
N TYR A 266 22.62 -21.74 5.14
CA TYR A 266 22.51 -20.79 4.06
C TYR A 266 23.84 -20.74 3.31
N ILE A 267 23.78 -20.64 1.99
CA ILE A 267 24.96 -20.19 1.28
C ILE A 267 25.33 -18.84 1.81
N LYS A 268 26.54 -18.75 2.30
CA LYS A 268 27.17 -17.45 2.45
C LYS A 268 27.60 -17.08 1.04
N TRP A 269 26.80 -16.26 0.41
CA TRP A 269 27.29 -15.50 -0.72
C TRP A 269 28.20 -14.43 -0.17
N ASP A 270 29.24 -14.11 -0.94
CA ASP A 270 30.15 -13.08 -0.49
C ASP A 270 29.42 -11.75 -0.36
N LEU A 271 29.90 -10.95 0.57
CA LEU A 271 29.25 -9.73 1.00
C LEU A 271 29.71 -8.51 0.20
N LEU A 272 30.20 -8.71 -1.03
CA LEU A 272 30.53 -7.61 -1.94
C LEU A 272 29.93 -7.74 -3.34
N LYS A 273 29.58 -8.95 -3.78
CA LYS A 273 29.14 -9.16 -5.16
C LYS A 273 27.79 -8.50 -5.45
N TYR A 274 27.47 -8.35 -6.74
CA TYR A 274 26.21 -7.76 -7.17
C TYR A 274 25.49 -8.39 -8.36
N ASP A 275 26.16 -9.19 -9.19
CA ASP A 275 25.67 -9.36 -10.57
C ASP A 275 24.70 -10.52 -10.74
N PHE A 276 25.19 -11.74 -10.59
CA PHE A 276 24.37 -12.93 -10.53
C PHE A 276 23.57 -13.18 -11.79
N THR A 277 23.88 -12.46 -12.88
CA THR A 277 23.12 -12.63 -14.11
C THR A 277 23.21 -14.05 -14.60
N GLU A 278 24.36 -14.67 -14.39
CA GLU A 278 24.52 -16.05 -14.77
C GLU A 278 23.48 -16.87 -14.03
N GLU A 279 23.36 -16.62 -12.73
CA GLU A 279 22.42 -17.32 -11.88
C GLU A 279 20.99 -16.99 -12.25
N ARG A 280 20.77 -15.79 -12.73
CA ARG A 280 19.44 -15.44 -13.18
C ARG A 280 19.07 -16.29 -14.37
N LEU A 281 19.97 -16.37 -15.33
CA LEU A 281 19.75 -17.26 -16.44
C LEU A 281 19.71 -18.71 -15.99
N LYS A 282 20.44 -19.05 -14.92
CA LYS A 282 20.39 -20.42 -14.42
C LYS A 282 18.98 -20.76 -14.05
N LEU A 283 18.35 -19.93 -13.24
CA LEU A 283 16.97 -20.20 -12.88
C LEU A 283 16.07 -20.14 -14.11
N PHE A 284 16.35 -19.24 -15.06
CA PHE A 284 15.53 -19.20 -16.26
C PHE A 284 15.58 -20.54 -16.98
N ASP A 285 16.72 -20.84 -17.60
CA ASP A 285 16.86 -22.04 -18.41
C ASP A 285 16.81 -23.31 -17.58
N ARG A 286 16.82 -23.18 -16.25
CA ARG A 286 16.43 -24.28 -15.40
C ARG A 286 14.94 -24.49 -15.50
N TYR A 287 14.21 -23.39 -15.47
CA TYR A 287 12.78 -23.42 -15.42
C TYR A 287 12.14 -23.02 -16.74
N PHE A 288 12.94 -22.48 -17.66
CA PHE A 288 12.45 -21.79 -18.85
C PHE A 288 13.32 -22.08 -20.06
N LYS A 289 13.96 -23.27 -20.06
CA LYS A 289 14.81 -23.67 -21.18
C LYS A 289 14.03 -23.58 -22.48
N TYR A 290 12.83 -24.12 -22.47
CA TYR A 290 11.98 -24.20 -23.64
C TYR A 290 11.05 -23.03 -23.77
N TRP A 291 11.31 -21.96 -23.03
CA TRP A 291 10.42 -20.81 -23.04
C TRP A 291 10.52 -20.12 -24.38
N ASP A 292 9.51 -20.34 -25.21
CA ASP A 292 9.58 -20.09 -26.62
C ASP A 292 9.63 -18.60 -26.95
N GLN A 293 9.43 -17.75 -25.96
CA GLN A 293 9.56 -16.30 -26.06
C GLN A 293 10.75 -15.87 -25.20
N THR A 294 11.12 -14.61 -25.30
CA THR A 294 12.47 -14.17 -24.96
C THR A 294 12.73 -14.18 -23.46
N TYR A 295 13.83 -13.52 -23.10
CA TYR A 295 14.28 -13.28 -21.75
C TYR A 295 15.32 -12.18 -21.81
N HIS A 296 15.26 -11.26 -20.86
CA HIS A 296 16.29 -10.22 -20.71
C HIS A 296 16.39 -9.83 -19.24
N PRO A 297 16.73 -10.78 -18.33
CA PRO A 297 16.94 -10.43 -16.92
C PRO A 297 17.75 -9.20 -16.56
N ASN A 298 18.59 -8.70 -17.47
CA ASN A 298 19.02 -7.30 -17.44
C ASN A 298 18.22 -6.60 -18.51
N CYS A 299 17.21 -5.88 -18.07
CA CYS A 299 16.08 -5.55 -18.92
C CYS A 299 16.30 -4.31 -19.77
N VAL A 300 17.48 -3.69 -19.70
CA VAL A 300 17.84 -2.75 -20.75
C VAL A 300 17.94 -3.45 -22.10
N ASN A 301 18.16 -4.77 -22.07
CA ASN A 301 18.15 -5.58 -23.27
C ASN A 301 16.76 -5.96 -23.73
N CYS A 302 15.72 -5.55 -22.99
CA CYS A 302 14.37 -5.96 -23.36
C CYS A 302 13.98 -5.40 -24.71
N LEU A 303 13.04 -6.10 -25.35
CA LEU A 303 12.59 -5.75 -26.70
C LEU A 303 11.93 -4.38 -26.66
N ASP A 304 10.85 -4.27 -25.89
CA ASP A 304 10.14 -3.03 -25.63
C ASP A 304 9.50 -3.11 -24.25
N ASP A 305 8.71 -2.08 -23.93
CA ASP A 305 8.01 -2.05 -22.65
C ASP A 305 7.22 -3.32 -22.41
N ARG A 306 6.66 -3.90 -23.46
CA ARG A 306 5.99 -5.18 -23.35
C ARG A 306 6.99 -6.24 -22.87
N CYS A 307 8.20 -6.24 -23.41
CA CYS A 307 9.20 -7.19 -22.91
C CYS A 307 9.77 -6.72 -21.57
N ILE A 308 9.62 -5.44 -21.23
CA ILE A 308 10.02 -5.04 -19.89
C ILE A 308 9.17 -5.73 -18.86
N LEU A 309 7.85 -5.60 -19.00
CA LEU A 309 6.95 -6.32 -18.12
C LEU A 309 7.29 -7.79 -18.12
N HIS A 310 7.58 -8.33 -19.31
CA HIS A 310 7.93 -9.74 -19.44
C HIS A 310 9.09 -10.13 -18.53
N CYS A 311 10.25 -9.57 -18.77
CA CYS A 311 11.46 -10.02 -18.12
C CYS A 311 11.59 -9.59 -16.66
N ALA A 312 11.19 -8.36 -16.30
CA ALA A 312 11.21 -8.03 -14.89
C ALA A 312 10.22 -8.84 -14.08
N ASN A 313 9.15 -9.36 -14.73
CA ASN A 313 8.31 -10.34 -14.06
C ASN A 313 9.00 -11.69 -13.96
N PHE A 314 10.26 -11.80 -14.39
CA PHE A 314 11.05 -12.98 -14.10
C PHE A 314 12.15 -12.66 -13.11
N ASN A 315 12.60 -11.41 -13.09
CA ASN A 315 13.47 -11.00 -11.99
C ASN A 315 12.75 -11.05 -10.65
N VAL A 316 11.41 -10.96 -10.63
CA VAL A 316 10.70 -11.17 -9.35
C VAL A 316 11.04 -12.54 -8.78
N LEU A 317 10.76 -13.59 -9.54
CA LEU A 317 10.96 -14.94 -9.07
C LEU A 317 12.43 -15.22 -8.88
N PHE A 318 13.26 -14.65 -9.75
CA PHE A 318 14.70 -14.80 -9.70
C PHE A 318 15.33 -13.79 -8.74
N SER A 319 14.57 -13.22 -7.81
CA SER A 319 15.14 -12.44 -6.73
C SER A 319 14.54 -12.75 -5.35
N THR A 320 13.58 -13.67 -5.25
CA THR A 320 13.13 -14.12 -3.94
C THR A 320 14.24 -14.79 -3.15
N VAL A 321 15.12 -15.47 -3.86
CA VAL A 321 15.93 -16.51 -3.25
C VAL A 321 17.24 -15.94 -2.74
N PHE A 322 17.69 -14.84 -3.29
CA PHE A 322 19.02 -14.33 -3.01
C PHE A 322 18.82 -13.36 -1.86
N PRO A 323 19.87 -12.97 -1.15
CA PRO A 323 19.69 -12.37 0.15
C PRO A 323 19.63 -10.86 0.06
N PRO A 324 19.38 -10.19 1.17
CA PRO A 324 19.39 -8.72 1.16
C PRO A 324 20.76 -8.14 1.03
N THR A 325 21.79 -8.94 1.28
CA THR A 325 23.13 -8.44 1.14
C THR A 325 23.42 -8.08 -0.30
N SER A 326 22.80 -8.82 -1.22
CA SER A 326 23.01 -8.64 -2.64
C SER A 326 22.43 -7.36 -3.19
N PHE A 327 21.18 -7.05 -2.89
CA PHE A 327 20.44 -6.05 -3.64
C PHE A 327 20.62 -4.66 -3.05
N GLY A 328 20.03 -3.69 -3.74
CA GLY A 328 20.11 -2.30 -3.37
C GLY A 328 21.11 -1.54 -4.21
N PRO A 329 21.33 -0.28 -3.86
CA PRO A 329 22.30 0.52 -4.63
C PRO A 329 23.73 0.00 -4.48
N LEU A 330 24.58 0.35 -5.44
CA LEU A 330 25.95 -0.15 -5.53
C LEU A 330 26.93 1.01 -5.54
N VAL A 331 27.98 0.92 -4.72
CA VAL A 331 28.72 2.07 -4.28
C VAL A 331 30.18 2.04 -4.75
N ARG A 332 30.68 3.20 -5.14
CA ARG A 332 32.07 3.34 -5.59
C ARG A 332 32.67 4.61 -5.02
N LYS A 333 33.99 4.57 -4.86
CA LYS A 333 34.80 5.70 -4.45
C LYS A 333 35.08 6.65 -5.60
N ILE A 334 35.01 7.95 -5.28
CA ILE A 334 35.00 9.02 -6.27
C ILE A 334 35.80 10.18 -5.70
N PHE A 335 36.23 11.10 -6.55
CA PHE A 335 37.10 12.20 -6.16
C PHE A 335 36.73 13.49 -6.90
N VAL A 336 36.13 14.45 -6.19
CA VAL A 336 36.07 15.83 -6.63
C VAL A 336 37.09 16.60 -5.81
N ASP A 337 37.61 17.68 -6.40
CA ASP A 337 38.54 18.65 -5.78
C ASP A 337 39.52 17.99 -4.81
N GLY A 338 40.07 16.86 -5.24
CA GLY A 338 40.87 16.03 -4.36
C GLY A 338 40.11 14.92 -3.65
N VAL A 339 39.65 15.24 -2.44
CA VAL A 339 39.18 14.35 -1.38
C VAL A 339 38.26 13.22 -1.87
N PRO A 340 38.24 12.04 -1.24
CA PRO A 340 37.30 10.99 -1.62
C PRO A 340 35.91 11.16 -1.03
N PHE A 341 34.94 10.69 -1.81
CA PHE A 341 33.59 10.38 -1.38
C PHE A 341 33.27 8.98 -1.88
N VAL A 342 32.11 8.46 -1.51
CA VAL A 342 31.58 7.24 -2.09
C VAL A 342 30.11 7.46 -2.37
N VAL A 343 29.65 6.89 -3.47
CA VAL A 343 28.35 7.19 -4.03
C VAL A 343 27.78 5.93 -4.66
N SER A 344 26.46 5.77 -4.55
CA SER A 344 25.74 4.73 -5.27
C SER A 344 25.75 5.11 -6.73
N THR A 345 26.72 4.61 -7.45
CA THR A 345 26.75 4.79 -8.89
C THR A 345 26.38 3.51 -9.60
N GLY A 346 25.55 2.70 -8.95
CA GLY A 346 24.84 1.63 -9.62
C GLY A 346 23.57 1.37 -8.87
N TYR A 347 22.79 0.44 -9.40
CA TYR A 347 21.68 -0.06 -8.61
C TYR A 347 21.31 -1.43 -9.13
N HIS A 348 21.00 -2.32 -8.19
CA HIS A 348 20.47 -3.64 -8.51
C HIS A 348 19.02 -3.70 -8.06
N PHE A 349 18.10 -3.64 -9.02
CA PHE A 349 16.71 -3.89 -8.74
C PHE A 349 16.46 -5.38 -8.73
N ARG A 350 15.52 -5.79 -7.90
CA ARG A 350 15.09 -7.18 -7.86
C ARG A 350 14.15 -7.50 -9.00
N GLU A 351 13.85 -6.53 -9.83
CA GLU A 351 12.97 -6.66 -10.96
C GLU A 351 13.69 -6.28 -12.23
N LEU A 352 14.48 -5.23 -12.17
CA LEU A 352 15.20 -4.74 -13.33
C LEU A 352 16.65 -5.18 -13.37
N GLY A 353 17.07 -6.02 -12.42
CA GLY A 353 18.44 -6.51 -12.43
C GLY A 353 19.45 -5.39 -12.33
N VAL A 354 20.52 -5.54 -13.07
CA VAL A 354 21.63 -4.63 -12.93
C VAL A 354 21.35 -3.38 -13.73
N VAL A 355 21.81 -2.26 -13.19
CA VAL A 355 21.86 -1.03 -13.96
C VAL A 355 23.06 -0.24 -13.51
N HIS A 356 23.76 0.25 -14.52
CA HIS A 356 24.96 1.05 -14.36
C HIS A 356 24.66 2.43 -14.91
N ASN A 357 24.75 3.43 -14.04
CA ASN A 357 24.85 4.80 -14.47
C ASN A 357 25.95 4.88 -15.51
N GLN A 358 25.55 5.19 -16.73
CA GLN A 358 26.47 5.23 -17.85
C GLN A 358 27.19 6.56 -17.90
N ASP A 359 26.61 7.59 -17.31
CA ASP A 359 27.21 8.92 -17.19
C ASP A 359 27.80 9.04 -15.79
N VAL A 360 29.08 8.69 -15.65
CA VAL A 360 29.78 8.75 -14.38
C VAL A 360 30.97 9.69 -14.49
N ASN A 361 31.40 10.18 -13.34
CA ASN A 361 32.58 11.04 -13.23
C ASN A 361 33.40 10.52 -12.06
N LEU A 362 34.30 9.58 -12.34
CA LEU A 362 35.24 9.15 -11.31
C LEU A 362 36.07 10.30 -10.79
N HIS A 363 36.33 11.29 -11.63
CA HIS A 363 37.01 12.51 -11.26
C HIS A 363 36.15 13.67 -11.67
N SER A 364 36.19 14.74 -10.88
CA SER A 364 35.37 15.90 -11.18
C SER A 364 36.00 17.12 -10.53
N SER A 365 35.41 18.27 -10.85
CA SER A 365 35.84 19.55 -10.32
C SER A 365 34.82 20.59 -10.71
N ARG A 366 34.51 21.48 -9.77
CA ARG A 366 33.46 22.48 -9.97
C ARG A 366 32.13 21.78 -10.23
N LEU A 367 31.80 20.88 -9.31
CA LEU A 367 30.52 20.19 -9.32
C LEU A 367 29.36 21.17 -9.35
N SER A 368 28.21 20.71 -9.81
CA SER A 368 27.10 21.59 -10.16
C SER A 368 26.01 21.56 -9.12
N PHE A 369 25.13 22.56 -9.23
CA PHE A 369 23.88 22.57 -8.48
C PHE A 369 23.14 21.26 -8.62
N LYS A 370 22.72 20.94 -9.85
CA LYS A 370 22.01 19.70 -10.11
C LYS A 370 22.78 18.50 -9.62
N GLU A 371 24.11 18.53 -9.75
CA GLU A 371 24.86 17.36 -9.36
C GLU A 371 24.78 17.16 -7.86
N LEU A 372 24.65 18.25 -7.10
CA LEU A 372 24.33 18.10 -5.69
C LEU A 372 22.87 17.69 -5.50
N LEU A 373 22.00 18.07 -6.42
CA LEU A 373 20.64 17.56 -6.29
C LEU A 373 20.62 16.04 -6.48
N VAL A 374 21.59 15.52 -7.23
CA VAL A 374 21.79 14.08 -7.33
C VAL A 374 22.43 13.54 -6.06
N TYR A 375 23.46 14.22 -5.55
CA TYR A 375 24.31 13.68 -4.51
C TYR A 375 23.93 14.14 -3.11
N ALA A 376 22.86 14.91 -2.96
CA ALA A 376 22.39 15.34 -1.65
C ALA A 376 21.46 14.29 -1.05
N ALA A 377 20.38 14.00 -1.74
CA ALA A 377 19.43 12.97 -1.31
C ALA A 377 19.87 11.58 -1.72
N ASP A 378 21.07 11.41 -2.25
CA ASP A 378 21.44 10.06 -2.58
C ASP A 378 21.68 9.29 -1.29
N PRO A 379 21.46 7.99 -1.28
CA PRO A 379 21.42 7.29 0.01
C PRO A 379 22.72 7.15 0.79
N ALA A 380 23.79 6.68 0.15
CA ALA A 380 24.95 6.19 0.87
C ALA A 380 25.69 7.29 1.61
N MET A 381 25.67 8.50 1.05
CA MET A 381 26.24 9.67 1.72
C MET A 381 25.68 9.79 3.12
N HIS A 382 24.37 9.60 3.23
CA HIS A 382 23.73 9.64 4.53
C HIS A 382 23.92 8.35 5.30
N ALA A 383 24.07 7.22 4.62
CA ALA A 383 24.04 5.93 5.30
C ALA A 383 25.38 5.57 5.93
N ALA A 384 26.40 5.43 5.11
CA ALA A 384 27.71 5.05 5.64
C ALA A 384 28.32 6.17 6.47
N SER A 385 27.79 7.38 6.37
CA SER A 385 28.28 8.51 7.15
C SER A 385 27.63 8.59 8.52
N GLY A 386 27.18 7.47 9.07
CA GLY A 386 26.63 7.48 10.40
C GLY A 386 26.73 6.11 11.05
N ASN A 387 26.01 5.97 12.15
CA ASN A 387 26.17 4.84 13.05
C ASN A 387 25.39 3.64 12.52
N LEU A 388 25.27 2.61 13.35
CA LEU A 388 24.50 1.41 13.07
C LEU A 388 23.30 1.34 14.00
N LEU A 389 22.34 0.49 13.64
CA LEU A 389 21.11 0.34 14.41
C LEU A 389 20.53 -1.04 14.16
N LEU A 390 19.73 -1.50 15.11
CA LEU A 390 19.01 -2.77 14.99
C LEU A 390 17.87 -2.72 16.00
N ASP A 391 16.65 -2.95 15.52
CA ASP A 391 15.51 -3.15 16.40
C ASP A 391 14.78 -4.45 16.07
N LYS A 392 14.47 -5.20 17.13
CA LYS A 392 13.68 -6.41 17.04
C LYS A 392 12.20 -6.14 16.87
N ARG A 393 11.80 -4.87 16.81
CA ARG A 393 10.41 -4.52 16.57
C ARG A 393 9.91 -5.11 15.26
N THR A 394 10.62 -4.83 14.16
CA THR A 394 10.12 -5.14 12.84
C THR A 394 10.54 -6.54 12.41
N THR A 395 9.70 -7.15 11.58
CA THR A 395 10.12 -8.27 10.75
C THR A 395 10.94 -7.81 9.55
N CYS A 396 10.97 -6.50 9.28
CA CYS A 396 11.71 -5.95 8.15
C CYS A 396 13.21 -6.00 8.40
N PHE A 397 13.95 -6.18 7.32
CA PHE A 397 15.38 -5.94 7.36
C PHE A 397 15.65 -4.50 7.74
N SER A 398 16.76 -4.30 8.44
CA SER A 398 17.21 -2.98 8.83
C SER A 398 18.66 -2.83 8.44
N VAL A 399 19.11 -1.59 8.48
CA VAL A 399 20.43 -1.21 8.01
C VAL A 399 21.15 -0.36 9.03
N ALA A 400 20.50 0.69 9.55
CA ALA A 400 21.27 1.81 10.06
C ALA A 400 20.44 2.73 10.96
N ALA A 401 21.13 3.73 11.52
CA ALA A 401 20.54 4.90 12.15
C ALA A 401 21.20 6.15 11.64
N LEU A 402 20.42 7.24 11.57
CA LEU A 402 21.00 8.55 11.40
C LEU A 402 21.58 9.06 12.73
N THR A 403 20.71 9.34 13.69
CA THR A 403 21.11 9.82 15.01
C THR A 403 21.19 8.61 15.93
N ASN A 404 21.95 8.76 17.02
CA ASN A 404 22.26 7.64 17.87
C ASN A 404 21.25 7.43 19.00
N ASN A 405 20.09 8.09 18.97
CA ASN A 405 19.01 7.86 19.93
C ASN A 405 17.74 7.48 19.17
N VAL A 406 17.07 6.41 19.62
CA VAL A 406 15.78 6.04 19.07
C VAL A 406 14.74 7.09 19.53
N ALA A 407 13.67 7.25 18.76
CA ALA A 407 12.74 8.37 18.92
C ALA A 407 11.29 7.92 18.98
N PHE A 408 10.44 8.75 19.58
CA PHE A 408 9.00 8.48 19.72
C PHE A 408 8.22 9.78 19.66
N GLN A 409 6.98 9.72 19.14
CA GLN A 409 6.08 10.86 19.02
C GLN A 409 4.64 10.41 19.29
N THR A 410 3.80 11.35 19.72
CA THR A 410 2.45 11.05 20.21
C THR A 410 1.41 12.02 19.67
N VAL A 411 0.16 11.73 20.06
CA VAL A 411 -1.04 12.39 19.55
C VAL A 411 -1.62 13.34 20.59
N LYS A 412 -2.21 14.43 20.12
CA LYS A 412 -2.95 15.42 20.88
C LYS A 412 -4.44 15.29 20.57
N PRO A 413 -5.27 14.65 21.40
CA PRO A 413 -6.62 14.28 20.97
C PRO A 413 -7.54 15.45 20.67
N GLY A 414 -8.81 15.11 20.38
CA GLY A 414 -9.75 16.05 19.80
C GLY A 414 -9.95 17.32 20.60
N ASN A 415 -10.33 18.36 19.88
CA ASN A 415 -10.91 19.56 20.47
C ASN A 415 -12.35 19.23 20.88
N PHE A 416 -13.08 20.23 21.35
CA PHE A 416 -14.52 20.09 21.52
C PHE A 416 -15.18 21.43 21.27
N ASN A 417 -16.40 21.36 20.74
CA ASN A 417 -17.17 22.52 20.31
C ASN A 417 -18.48 22.49 21.09
N LYS A 418 -18.48 23.13 22.26
CA LYS A 418 -19.59 22.93 23.19
C LYS A 418 -20.73 23.92 22.98
N ASP A 419 -20.45 25.08 22.39
CA ASP A 419 -21.52 26.02 22.06
C ASP A 419 -22.53 25.36 21.14
N PHE A 420 -22.06 24.76 20.04
CA PHE A 420 -22.96 24.06 19.15
C PHE A 420 -23.57 22.83 19.81
N TYR A 421 -22.81 22.16 20.69
CA TYR A 421 -23.35 21.00 21.38
C TYR A 421 -24.60 21.38 22.17
N ASP A 422 -24.51 22.48 22.91
CA ASP A 422 -25.67 23.00 23.61
C ASP A 422 -26.76 23.40 22.61
N PHE A 423 -26.39 24.15 21.57
CA PHE A 423 -27.36 24.63 20.58
C PHE A 423 -28.14 23.50 19.92
N ALA A 424 -27.56 22.30 19.85
CA ALA A 424 -28.25 21.15 19.29
C ALA A 424 -29.07 20.45 20.35
N VAL A 425 -28.40 19.94 21.38
CA VAL A 425 -29.07 19.10 22.35
C VAL A 425 -30.15 19.85 23.12
N SER A 426 -30.12 21.18 23.09
CA SER A 426 -31.23 21.98 23.57
C SER A 426 -32.53 21.66 22.85
N LYS A 427 -32.48 21.46 21.53
CA LYS A 427 -33.66 21.14 20.74
C LYS A 427 -33.93 19.64 20.74
N GLY A 428 -33.42 18.92 21.72
CA GLY A 428 -33.55 17.48 21.68
C GLY A 428 -32.75 16.86 20.57
N PHE A 429 -31.49 17.23 20.43
CA PHE A 429 -30.58 16.37 19.70
C PHE A 429 -29.83 15.51 20.69
N PHE A 430 -29.33 14.40 20.15
CA PHE A 430 -28.62 13.42 20.93
C PHE A 430 -29.56 12.87 22.00
N LYS A 431 -30.68 12.32 21.56
CA LYS A 431 -31.73 11.83 22.43
C LYS A 431 -31.71 10.31 22.51
N GLU A 432 -32.36 9.78 23.54
CA GLU A 432 -32.47 8.34 23.70
C GLU A 432 -33.42 7.78 22.67
N GLY A 433 -33.06 6.63 22.11
CA GLY A 433 -33.79 6.04 21.02
C GLY A 433 -33.58 6.72 19.69
N SER A 434 -32.99 7.91 19.66
CA SER A 434 -32.83 8.64 18.44
C SER A 434 -31.71 8.04 17.63
N SER A 435 -31.92 7.94 16.32
CA SER A 435 -30.81 7.68 15.43
C SER A 435 -29.90 8.88 15.27
N VAL A 436 -30.18 9.99 15.95
CA VAL A 436 -29.19 11.04 16.17
C VAL A 436 -28.42 10.64 17.41
N GLU A 437 -27.42 9.79 17.21
CA GLU A 437 -26.35 9.60 18.18
C GLU A 437 -25.13 10.35 17.65
N LEU A 438 -23.98 10.14 18.28
CA LEU A 438 -22.72 10.69 17.82
C LEU A 438 -21.70 9.57 17.87
N LYS A 439 -20.90 9.46 16.81
CA LYS A 439 -20.09 8.28 16.55
C LYS A 439 -18.63 8.58 16.29
N HIS A 440 -18.31 9.69 15.65
CA HIS A 440 -17.02 9.89 15.03
C HIS A 440 -16.23 10.91 15.83
N PHE A 441 -14.97 10.59 16.11
CA PHE A 441 -14.19 11.28 17.11
C PHE A 441 -12.72 11.27 16.77
N PHE A 442 -11.96 12.15 17.41
CA PHE A 442 -10.51 12.15 17.31
C PHE A 442 -9.95 11.15 18.30
N PHE A 443 -9.70 9.93 17.82
CA PHE A 443 -8.85 9.02 18.59
C PHE A 443 -7.48 9.63 18.82
N ALA A 444 -6.72 9.01 19.72
CA ALA A 444 -5.32 9.34 19.90
C ALA A 444 -4.53 8.06 20.10
N GLN A 445 -3.24 8.12 19.74
CA GLN A 445 -2.38 6.95 19.65
C GLN A 445 -1.04 7.24 20.30
N ASP A 446 -0.42 6.19 20.82
CA ASP A 446 0.84 6.27 21.54
C ASP A 446 2.03 6.22 20.56
N GLY A 447 3.24 6.02 21.08
CA GLY A 447 4.44 6.10 20.27
C GLY A 447 4.79 4.86 19.49
N ASN A 448 4.23 3.70 19.83
CA ASN A 448 4.45 2.47 19.08
C ASN A 448 3.72 2.45 17.74
N ALA A 449 2.99 3.51 17.41
CA ALA A 449 2.17 3.57 16.22
C ALA A 449 2.98 3.36 14.96
N ALA A 450 4.06 4.11 14.85
CA ALA A 450 4.85 4.16 13.63
C ALA A 450 5.28 2.78 13.21
N ILE A 451 5.99 2.10 14.10
CA ILE A 451 6.54 0.81 13.76
C ILE A 451 5.42 -0.21 13.67
N SER A 452 4.31 0.02 14.36
CA SER A 452 3.23 -0.95 14.42
C SER A 452 2.22 -0.80 13.29
N ASP A 453 2.44 0.13 12.37
CA ASP A 453 1.80 0.04 11.06
C ASP A 453 2.83 -0.21 9.97
N TYR A 454 4.05 0.29 10.17
CA TYR A 454 5.13 -0.07 9.29
C TYR A 454 5.27 -1.57 9.19
N ASP A 455 5.03 -2.27 10.30
CA ASP A 455 4.98 -3.71 10.30
C ASP A 455 4.01 -4.25 9.28
N TYR A 456 2.87 -3.57 9.08
CA TYR A 456 1.87 -4.10 8.16
C TYR A 456 2.34 -4.11 6.71
N TYR A 457 3.49 -3.53 6.42
CA TYR A 457 4.16 -3.86 5.17
C TYR A 457 4.60 -5.31 5.13
N ARG A 458 4.65 -5.99 6.29
CA ARG A 458 4.97 -7.40 6.32
C ARG A 458 4.04 -8.22 5.46
N TYR A 459 2.81 -7.76 5.26
CA TYR A 459 1.89 -8.54 4.46
C TYR A 459 2.22 -8.43 2.98
N ASN A 460 3.11 -7.50 2.61
CA ASN A 460 3.54 -7.45 1.23
C ASN A 460 4.20 -8.75 0.82
N LEU A 461 4.14 -9.02 -0.47
CA LEU A 461 4.75 -10.18 -1.07
C LEU A 461 4.79 -9.96 -2.58
N PRO A 462 5.85 -10.39 -3.26
CA PRO A 462 5.87 -10.29 -4.73
C PRO A 462 4.83 -11.11 -5.47
N THR A 463 4.48 -10.66 -6.67
CA THR A 463 3.57 -11.39 -7.54
C THR A 463 4.33 -11.90 -8.76
N MET A 464 3.67 -12.79 -9.49
CA MET A 464 3.98 -13.00 -10.89
C MET A 464 2.70 -12.56 -11.54
N CYS A 465 2.63 -11.31 -11.98
CA CYS A 465 1.52 -10.90 -12.81
C CYS A 465 1.41 -11.83 -14.01
N ASP A 466 0.31 -12.60 -14.04
CA ASP A 466 0.19 -13.71 -14.97
C ASP A 466 0.20 -13.16 -16.38
N ILE A 467 1.34 -13.31 -17.03
CA ILE A 467 1.85 -12.21 -17.82
C ILE A 467 0.99 -11.91 -19.04
N ARG A 468 0.59 -12.92 -19.80
CA ARG A 468 -0.17 -12.66 -21.02
C ARG A 468 -1.48 -11.98 -20.72
N GLN A 469 -2.02 -12.22 -19.55
CA GLN A 469 -3.29 -11.62 -19.18
C GLN A 469 -3.14 -10.12 -18.94
N LEU A 470 -2.12 -9.71 -18.21
CA LEU A 470 -1.80 -8.29 -18.14
C LEU A 470 -1.51 -7.74 -19.52
N LEU A 471 -0.75 -8.47 -20.33
CA LEU A 471 -0.41 -8.01 -21.66
C LEU A 471 -1.68 -7.73 -22.48
N PHE A 472 -2.67 -8.62 -22.44
CA PHE A 472 -3.89 -8.35 -23.19
C PHE A 472 -4.72 -7.27 -22.52
N VAL A 473 -4.72 -7.23 -21.20
CA VAL A 473 -5.50 -6.21 -20.51
C VAL A 473 -4.98 -4.84 -20.82
N VAL A 474 -3.69 -4.74 -21.11
CA VAL A 474 -3.18 -3.45 -21.48
C VAL A 474 -3.45 -3.22 -22.97
N GLU A 475 -3.54 -4.32 -23.73
CA GLU A 475 -4.11 -4.23 -25.06
C GLU A 475 -5.55 -3.72 -25.01
N VAL A 476 -6.22 -3.90 -23.86
CA VAL A 476 -7.58 -3.38 -23.67
C VAL A 476 -7.56 -1.94 -23.23
N VAL A 477 -6.75 -1.61 -22.23
CA VAL A 477 -6.80 -0.27 -21.65
C VAL A 477 -6.34 0.79 -22.62
N ASP A 478 -5.55 0.40 -23.63
CA ASP A 478 -5.17 1.32 -24.69
C ASP A 478 -6.31 2.21 -25.18
N LYS A 479 -7.53 1.67 -25.30
CA LYS A 479 -8.64 2.36 -25.92
C LYS A 479 -9.50 3.07 -24.91
N TYR A 480 -9.37 2.69 -23.64
CA TYR A 480 -9.79 3.61 -22.60
C TYR A 480 -8.99 4.88 -22.67
N PHE A 481 -7.81 4.83 -23.25
CA PHE A 481 -6.98 6.00 -23.40
C PHE A 481 -6.62 6.30 -24.85
N ASP A 482 -7.15 5.58 -25.83
CA ASP A 482 -7.10 6.11 -27.19
C ASP A 482 -8.01 7.30 -27.32
N CYS A 483 -8.98 7.41 -26.45
CA CYS A 483 -9.73 8.61 -26.30
C CYS A 483 -8.94 9.72 -25.64
N TYR A 484 -7.73 9.47 -25.19
CA TYR A 484 -6.95 10.43 -24.43
C TYR A 484 -5.54 10.48 -24.99
N ASP A 485 -4.78 11.48 -24.54
CA ASP A 485 -3.51 11.79 -25.17
C ASP A 485 -2.53 12.40 -24.17
N GLY A 486 -1.24 12.04 -24.29
CA GLY A 486 -0.21 12.43 -23.36
C GLY A 486 1.07 12.98 -24.00
N GLY A 487 2.20 12.41 -23.62
CA GLY A 487 3.51 12.74 -24.16
C GLY A 487 4.33 13.57 -23.19
N CYS A 488 5.64 13.61 -23.43
CA CYS A 488 6.50 14.41 -22.58
C CYS A 488 6.13 15.87 -22.74
N ILE A 489 6.36 16.61 -21.67
CA ILE A 489 6.12 18.04 -21.69
C ILE A 489 7.27 18.72 -20.96
N ASN A 490 7.13 20.02 -20.76
CA ASN A 490 8.21 20.86 -20.32
C ASN A 490 7.88 21.45 -18.97
N ALA A 491 8.88 22.03 -18.34
CA ALA A 491 8.66 22.77 -17.11
C ALA A 491 7.63 23.87 -17.28
N ASN A 492 7.63 24.53 -18.42
CA ASN A 492 6.85 25.74 -18.60
C ASN A 492 5.49 25.45 -19.20
N GLN A 493 5.07 24.19 -19.23
CA GLN A 493 3.72 23.83 -19.65
C GLN A 493 3.16 22.75 -18.74
N VAL A 494 3.36 22.91 -17.44
CA VAL A 494 2.72 22.08 -16.44
C VAL A 494 1.74 22.95 -15.66
N ILE A 495 0.66 22.32 -15.18
CA ILE A 495 -0.51 22.98 -14.63
C ILE A 495 -0.40 22.83 -13.11
N VAL A 496 0.83 22.81 -12.61
CA VAL A 496 1.08 22.46 -11.23
C VAL A 496 0.35 23.38 -10.27
N ASN A 497 -0.15 22.80 -9.19
CA ASN A 497 -0.69 23.55 -8.06
C ASN A 497 -0.09 22.90 -6.82
N ASN A 498 -0.45 23.42 -5.65
CA ASN A 498 -0.17 22.72 -4.39
C ASN A 498 1.33 22.67 -4.11
N LEU A 499 1.98 23.83 -4.14
CA LEU A 499 3.45 23.91 -4.20
C LEU A 499 4.09 24.35 -2.89
N ASP A 500 3.32 24.55 -1.84
CA ASP A 500 3.82 25.04 -0.56
C ASP A 500 4.22 23.89 0.36
N LYS A 501 4.74 22.82 -0.21
CA LYS A 501 4.69 21.50 0.37
C LYS A 501 6.11 20.95 0.52
N SER A 502 6.23 19.74 1.07
CA SER A 502 7.53 19.18 1.35
C SER A 502 8.27 18.83 0.07
N ALA A 503 9.54 18.45 0.24
CA ALA A 503 10.41 18.16 -0.88
C ALA A 503 11.41 17.02 -0.65
N GLY A 504 11.34 16.29 0.48
CA GLY A 504 12.25 15.18 0.73
C GLY A 504 13.00 15.18 2.03
N PHE A 505 13.71 14.10 2.32
CA PHE A 505 14.25 13.83 3.64
C PHE A 505 15.15 14.94 4.17
N PRO A 506 16.35 15.17 3.63
CA PRO A 506 17.07 16.37 4.06
C PRO A 506 16.36 17.61 3.59
N PHE A 507 15.73 17.54 2.42
CA PHE A 507 14.99 18.65 1.87
C PHE A 507 13.77 19.01 2.73
N ASN A 508 13.39 18.16 3.67
CA ASN A 508 12.49 18.59 4.73
C ASN A 508 13.09 19.77 5.46
N LYS A 509 14.40 19.72 5.70
CA LYS A 509 15.03 20.56 6.70
C LYS A 509 15.02 22.04 6.33
N TRP A 510 14.82 22.39 5.05
CA TRP A 510 15.13 23.76 4.62
C TRP A 510 14.01 24.49 3.89
N GLY A 511 13.16 23.80 3.13
CA GLY A 511 12.31 24.54 2.22
C GLY A 511 11.11 23.75 1.77
N LYS A 512 10.40 24.35 0.81
CA LYS A 512 9.17 23.83 0.24
C LYS A 512 9.38 23.51 -1.24
N ALA A 513 8.47 22.69 -1.79
CA ALA A 513 8.49 22.37 -3.21
C ALA A 513 8.41 23.62 -4.07
N ARG A 514 7.78 24.67 -3.56
CA ARG A 514 7.77 25.98 -4.21
C ARG A 514 9.17 26.41 -4.61
N LEU A 515 10.14 26.24 -3.70
CA LEU A 515 11.52 26.63 -4.00
C LEU A 515 12.05 25.86 -5.20
N TYR A 516 11.70 24.58 -5.30
CA TYR A 516 12.33 23.69 -6.26
C TYR A 516 11.71 23.82 -7.62
N TYR A 517 10.44 24.16 -7.67
CA TYR A 517 9.82 24.55 -8.93
C TYR A 517 10.30 25.93 -9.36
N ASP A 518 10.63 26.79 -8.38
CA ASP A 518 11.07 28.15 -8.70
C ASP A 518 12.57 28.21 -8.93
N SER A 519 13.33 27.39 -8.21
CA SER A 519 14.79 27.44 -8.30
C SER A 519 15.31 26.65 -9.48
N MET A 520 14.97 25.37 -9.54
CA MET A 520 15.37 24.53 -10.67
C MET A 520 14.68 25.07 -11.90
N SER A 521 15.43 25.77 -12.74
CA SER A 521 14.89 26.31 -13.97
C SER A 521 14.35 25.19 -14.85
N TYR A 522 13.59 25.61 -15.85
CA TYR A 522 13.19 24.67 -16.88
C TYR A 522 14.41 24.01 -17.51
N GLU A 523 15.49 24.78 -17.70
CA GLU A 523 16.78 24.19 -18.01
C GLU A 523 17.16 23.14 -16.99
N ASP A 524 17.09 23.49 -15.72
CA ASP A 524 17.58 22.60 -14.66
C ASP A 524 16.75 21.33 -14.61
N GLN A 525 15.46 21.49 -14.39
CA GLN A 525 14.58 20.35 -14.24
C GLN A 525 14.55 19.49 -15.49
N ASP A 526 14.76 20.07 -16.66
CA ASP A 526 14.72 19.27 -17.88
C ASP A 526 16.03 18.57 -18.15
N ALA A 527 17.14 19.21 -17.82
CA ALA A 527 18.40 18.49 -17.88
C ALA A 527 18.37 17.32 -16.92
N LEU A 528 17.71 17.50 -15.78
CA LEU A 528 17.52 16.40 -14.87
C LEU A 528 16.66 15.35 -15.51
N PHE A 529 15.59 15.79 -16.16
CA PHE A 529 14.72 14.89 -16.91
C PHE A 529 15.50 14.08 -17.91
N ALA A 530 16.57 14.64 -18.44
CA ALA A 530 17.39 13.99 -19.43
C ALA A 530 18.39 13.04 -18.81
N TYR A 531 19.00 13.43 -17.71
CA TYR A 531 19.93 12.54 -17.03
C TYR A 531 19.18 11.32 -16.50
N THR A 532 17.99 11.56 -16.00
CA THR A 532 17.23 10.51 -15.32
C THR A 532 16.77 9.44 -16.28
N LYS A 533 16.65 9.78 -17.55
CA LYS A 533 16.30 8.80 -18.57
C LYS A 533 17.51 8.12 -19.15
N ARG A 534 18.64 8.19 -18.46
CA ARG A 534 19.80 7.33 -18.70
C ARG A 534 20.22 6.50 -17.50
N ASN A 535 19.91 6.95 -16.29
CA ASN A 535 20.61 6.52 -15.09
C ASN A 535 19.58 6.22 -14.01
N VAL A 536 20.04 6.03 -12.78
CA VAL A 536 19.16 5.75 -11.65
C VAL A 536 19.69 6.44 -10.39
N ILE A 537 18.84 7.25 -9.75
CA ILE A 537 19.15 7.91 -8.49
C ILE A 537 18.09 7.60 -7.43
N PRO A 538 18.27 6.60 -6.57
CA PRO A 538 17.31 6.38 -5.49
C PRO A 538 17.42 7.44 -4.40
N THR A 539 16.33 7.59 -3.64
CA THR A 539 16.18 8.63 -2.62
C THR A 539 15.39 8.10 -1.43
N ILE A 540 14.88 9.03 -0.58
CA ILE A 540 14.45 8.72 0.78
C ILE A 540 12.96 9.00 0.88
N THR A 541 12.23 8.12 1.58
CA THR A 541 10.83 8.34 1.93
C THR A 541 10.64 8.39 3.44
N GLN A 542 9.77 9.30 3.87
CA GLN A 542 9.51 9.55 5.28
C GLN A 542 8.07 9.12 5.53
N MET A 543 7.88 8.23 6.51
CA MET A 543 6.55 7.76 6.90
C MET A 543 6.08 8.55 8.12
N ASN A 544 4.92 9.16 7.99
CA ASN A 544 4.31 9.96 9.04
C ASN A 544 2.89 9.48 9.28
N LEU A 545 2.22 10.16 10.20
CA LEU A 545 0.89 9.78 10.66
C LEU A 545 -0.07 10.96 10.59
N LYS A 546 -1.33 10.65 10.84
CA LYS A 546 -2.45 11.49 10.49
C LYS A 546 -3.29 11.83 11.72
N TYR A 547 -4.03 12.93 11.65
CA TYR A 547 -4.92 13.38 12.72
C TYR A 547 -6.35 13.43 12.21
N ALA A 548 -6.80 12.34 11.61
CA ALA A 548 -8.13 12.28 11.05
C ALA A 548 -9.11 11.74 12.08
N ILE A 549 -10.01 12.62 12.53
CA ILE A 549 -11.23 12.15 13.16
C ILE A 549 -11.89 11.10 12.29
N SER A 550 -12.17 9.96 12.87
CA SER A 550 -12.75 8.82 12.18
C SER A 550 -13.35 7.91 13.23
N ALA A 551 -13.74 6.70 12.82
CA ALA A 551 -14.46 5.78 13.67
C ALA A 551 -13.62 4.63 14.20
N LYS A 552 -12.84 3.97 13.35
CA LYS A 552 -12.04 2.82 13.76
C LYS A 552 -10.70 3.29 14.30
N ASN A 553 -9.89 2.32 14.72
CA ASN A 553 -8.76 2.55 15.61
C ASN A 553 -7.40 2.21 15.01
N ARG A 554 -7.23 2.39 13.71
CA ARG A 554 -5.93 2.26 13.06
C ARG A 554 -5.37 3.67 12.87
N ALA A 555 -4.29 3.80 12.09
CA ALA A 555 -3.69 5.09 11.80
C ALA A 555 -3.43 5.35 10.32
N ARG A 556 -3.21 4.30 9.52
CA ARG A 556 -3.17 4.42 8.06
C ARG A 556 -2.08 5.39 7.62
N THR A 557 -0.84 4.94 7.81
CA THR A 557 0.35 5.75 7.60
C THR A 557 0.35 6.45 6.24
N VAL A 558 1.08 7.57 6.19
CA VAL A 558 1.24 8.36 4.97
C VAL A 558 2.71 8.47 4.62
N ALA A 559 2.99 8.72 3.35
CA ALA A 559 4.33 8.68 2.79
C ALA A 559 4.69 10.02 2.16
N GLY A 560 5.97 10.37 2.18
CA GLY A 560 6.47 11.55 1.48
C GLY A 560 7.84 11.31 0.90
N VAL A 561 8.01 11.68 -0.37
CA VAL A 561 9.20 11.39 -1.16
C VAL A 561 9.87 12.71 -1.51
N SER A 562 11.09 12.62 -2.03
CA SER A 562 11.86 13.80 -2.37
C SER A 562 11.46 14.38 -3.72
N ILE A 563 11.63 15.69 -3.82
CA ILE A 563 11.07 16.47 -4.90
C ILE A 563 11.74 16.12 -6.21
N CYS A 564 12.97 15.61 -6.13
CA CYS A 564 13.68 15.20 -7.34
C CYS A 564 12.89 14.17 -8.11
N SER A 565 12.31 13.19 -7.40
CA SER A 565 11.49 12.19 -8.05
C SER A 565 10.28 12.81 -8.75
N THR A 566 9.43 13.44 -7.95
CA THR A 566 8.14 13.83 -8.43
C THR A 566 8.21 14.93 -9.46
N MET A 567 9.27 15.73 -9.46
CA MET A 567 9.29 16.82 -10.41
C MET A 567 9.45 16.27 -11.81
N THR A 568 10.32 15.27 -11.94
CA THR A 568 10.42 14.53 -13.19
C THR A 568 9.09 13.90 -13.53
N ASN A 569 8.49 13.25 -12.54
CA ASN A 569 7.29 12.48 -12.82
C ASN A 569 6.14 13.38 -13.30
N ARG A 570 6.05 14.57 -12.72
CA ARG A 570 5.08 15.56 -13.13
C ARG A 570 5.38 16.10 -14.52
N GLN A 571 6.67 16.29 -14.84
CA GLN A 571 6.98 16.66 -16.21
C GLN A 571 6.62 15.56 -17.18
N PHE A 572 6.62 14.33 -16.70
CA PHE A 572 6.47 13.20 -17.60
C PHE A 572 5.01 12.94 -17.94
N HIS A 573 4.19 12.60 -16.94
CA HIS A 573 2.86 12.08 -17.23
C HIS A 573 1.79 13.15 -17.40
N GLN A 574 2.01 14.38 -16.92
CA GLN A 574 0.94 15.38 -16.84
C GLN A 574 0.61 16.01 -18.19
N LYS A 575 0.18 15.18 -19.07
CA LYS A 575 -0.66 15.52 -20.21
C LYS A 575 -1.82 14.54 -20.34
N LEU A 576 -1.64 13.32 -19.86
CA LEU A 576 -2.60 12.26 -20.00
C LEU A 576 -3.70 12.35 -18.97
N LEU A 577 -3.32 12.52 -17.73
CA LEU A 577 -4.18 12.96 -16.66
C LEU A 577 -5.13 14.07 -17.09
N LYS A 578 -4.57 15.20 -17.49
CA LYS A 578 -5.37 16.38 -17.78
C LYS A 578 -6.29 16.16 -18.96
N SER A 579 -5.90 15.31 -19.90
CA SER A 579 -6.83 14.85 -20.91
C SER A 579 -8.00 14.13 -20.31
N ILE A 580 -7.87 13.65 -19.07
CA ILE A 580 -8.91 12.90 -18.40
C ILE A 580 -9.41 13.64 -17.17
N ALA A 581 -8.67 14.63 -16.68
CA ALA A 581 -9.14 15.41 -15.55
C ALA A 581 -10.40 16.19 -15.87
N ALA A 582 -10.76 16.36 -17.14
CA ALA A 582 -11.93 17.15 -17.51
C ALA A 582 -12.66 16.57 -18.71
N THR A 583 -12.47 15.29 -19.02
CA THR A 583 -13.23 14.62 -20.06
C THR A 583 -14.52 14.08 -19.45
N ARG A 584 -15.59 14.85 -19.58
CA ARG A 584 -16.86 14.51 -18.98
C ARG A 584 -17.70 13.72 -19.98
N GLY A 585 -18.64 12.97 -19.45
CA GLY A 585 -19.29 11.95 -20.23
C GLY A 585 -18.48 10.70 -20.37
N ALA A 586 -17.31 10.65 -19.75
CA ALA A 586 -16.43 9.50 -19.88
C ALA A 586 -16.87 8.40 -18.95
N THR A 587 -16.00 7.41 -18.83
CA THR A 587 -16.01 6.49 -17.71
C THR A 587 -15.61 7.14 -16.39
N VAL A 588 -14.44 7.75 -16.35
CA VAL A 588 -13.95 8.39 -15.14
C VAL A 588 -14.80 9.58 -14.75
N VAL A 589 -14.57 10.06 -13.53
CA VAL A 589 -15.24 11.21 -12.97
C VAL A 589 -14.28 12.17 -12.31
N ILE A 590 -12.98 11.97 -12.51
CA ILE A 590 -12.05 12.85 -11.85
C ILE A 590 -12.20 14.23 -12.45
N GLY A 591 -12.58 15.17 -11.62
CA GLY A 591 -12.98 16.49 -12.07
C GLY A 591 -14.47 16.61 -12.23
N THR A 592 -15.15 15.48 -12.44
CA THR A 592 -16.58 15.51 -12.56
C THR A 592 -17.23 15.53 -11.19
N SER A 593 -17.71 16.69 -10.80
CA SER A 593 -18.46 16.82 -9.56
C SER A 593 -19.80 16.14 -9.70
N LYS A 594 -20.52 16.09 -8.58
CA LYS A 594 -21.92 15.69 -8.56
C LYS A 594 -22.81 16.85 -8.85
N PHE A 595 -22.28 18.06 -8.65
CA PHE A 595 -23.12 19.19 -8.33
C PHE A 595 -23.84 19.61 -9.58
N TYR A 596 -24.82 20.48 -9.41
CA TYR A 596 -25.64 20.92 -10.51
C TYR A 596 -26.30 19.74 -11.23
N GLY A 597 -26.65 18.69 -10.49
CA GLY A 597 -27.22 17.51 -11.07
C GLY A 597 -26.30 16.75 -11.99
N GLY A 598 -24.99 16.97 -11.90
CA GLY A 598 -24.09 16.25 -12.77
C GLY A 598 -24.05 14.77 -12.42
N TRP A 599 -24.08 14.47 -11.14
CA TRP A 599 -24.31 13.11 -10.67
C TRP A 599 -25.49 12.48 -11.37
N HIS A 600 -26.58 13.23 -11.51
CA HIS A 600 -27.78 12.65 -12.10
C HIS A 600 -27.52 12.18 -13.52
N ASN A 601 -27.02 13.07 -14.37
CA ASN A 601 -26.80 12.70 -15.76
C ASN A 601 -25.71 11.67 -15.89
N MET A 602 -24.80 11.63 -14.93
CA MET A 602 -23.83 10.56 -14.92
C MET A 602 -24.49 9.23 -14.68
N LEU A 603 -25.47 9.21 -13.78
CA LEU A 603 -26.17 7.96 -13.53
C LEU A 603 -26.95 7.54 -14.76
N LYS A 604 -27.57 8.51 -15.40
CA LYS A 604 -28.27 8.22 -16.63
C LYS A 604 -27.30 7.76 -17.71
N THR A 605 -26.04 8.16 -17.59
CA THR A 605 -25.07 7.88 -18.61
C THR A 605 -24.50 6.49 -18.43
N VAL A 606 -24.11 6.18 -17.21
CA VAL A 606 -23.69 4.83 -16.86
C VAL A 606 -24.80 3.85 -17.20
N TYR A 607 -26.05 4.24 -17.01
CA TYR A 607 -27.11 3.30 -17.35
C TYR A 607 -27.14 3.07 -18.84
N SER A 608 -27.68 4.04 -19.58
CA SER A 608 -27.67 4.14 -21.03
C SER A 608 -27.73 2.79 -21.73
N ASP A 609 -28.73 2.00 -21.34
CA ASP A 609 -28.97 0.64 -21.83
C ASP A 609 -27.94 -0.37 -21.32
N VAL A 610 -27.73 -0.41 -20.03
CA VAL A 610 -27.38 -1.67 -19.37
C VAL A 610 -28.62 -2.56 -19.44
N GLU A 611 -28.40 -3.83 -19.74
CA GLU A 611 -29.47 -4.76 -20.07
C GLU A 611 -29.70 -5.76 -18.92
N ASN A 612 -30.87 -5.72 -18.30
CA ASN A 612 -31.10 -6.30 -16.98
C ASN A 612 -30.29 -5.50 -15.99
N PRO A 613 -30.43 -4.18 -15.98
CA PRO A 613 -29.49 -3.37 -15.22
C PRO A 613 -29.72 -3.49 -13.73
N HIS A 614 -28.63 -3.71 -13.02
CA HIS A 614 -28.59 -3.42 -11.59
C HIS A 614 -27.24 -2.82 -11.22
N LEU A 615 -27.24 -2.13 -10.09
CA LEU A 615 -26.06 -1.44 -9.58
C LEU A 615 -25.28 -2.35 -8.64
N MET A 616 -23.95 -2.25 -8.72
CA MET A 616 -23.06 -2.85 -7.73
C MET A 616 -21.91 -1.90 -7.40
N GLY A 617 -21.42 -2.02 -6.16
CA GLY A 617 -20.31 -1.22 -5.66
C GLY A 617 -19.51 -1.96 -4.62
N TRP A 618 -18.26 -1.53 -4.43
CA TRP A 618 -17.26 -2.33 -3.73
C TRP A 618 -15.96 -1.54 -3.57
N ASP A 619 -15.14 -1.96 -2.60
CA ASP A 619 -14.01 -1.17 -2.14
C ASP A 619 -12.89 -2.08 -1.65
N TYR A 620 -11.66 -1.53 -1.60
CA TYR A 620 -10.44 -2.30 -1.36
C TYR A 620 -9.99 -2.17 0.08
N PRO A 621 -9.81 -3.28 0.82
CA PRO A 621 -9.06 -3.23 2.08
C PRO A 621 -7.57 -3.35 1.85
N LYS A 622 -6.82 -2.39 2.39
CA LYS A 622 -5.37 -2.45 2.48
C LYS A 622 -4.73 -2.64 1.11
N CYS A 623 -4.92 -1.63 0.28
CA CYS A 623 -4.26 -1.56 -1.02
C CYS A 623 -2.87 -0.95 -0.88
N ASP A 624 -2.77 0.08 -0.04
CA ASP A 624 -1.53 0.85 0.09
C ASP A 624 -0.41 0.06 0.77
N ARG A 625 -0.67 -1.18 1.18
CA ARG A 625 0.32 -2.05 1.78
C ARG A 625 0.47 -3.35 1.02
N ALA A 626 -0.63 -3.89 0.49
CA ALA A 626 -0.62 -5.16 -0.22
C ALA A 626 -0.35 -5.00 -1.69
N MET A 627 -0.05 -3.79 -2.14
CA MET A 627 0.09 -3.49 -3.56
C MET A 627 1.16 -4.36 -4.23
N PRO A 628 0.81 -5.32 -5.09
CA PRO A 628 1.85 -6.04 -5.81
C PRO A 628 2.57 -5.06 -6.73
N ASN A 629 3.89 -5.01 -6.59
CA ASN A 629 4.68 -3.96 -7.23
C ASN A 629 4.59 -4.01 -8.75
N MET A 630 4.49 -5.21 -9.32
CA MET A 630 4.34 -5.40 -10.75
C MET A 630 3.21 -4.60 -11.36
N LEU A 631 2.09 -4.50 -10.65
CA LEU A 631 0.99 -3.73 -11.19
C LEU A 631 1.35 -2.26 -11.22
N ARG A 632 2.14 -1.82 -10.25
CA ARG A 632 2.61 -0.45 -10.28
C ARG A 632 3.54 -0.24 -11.47
N ILE A 633 4.30 -1.28 -11.81
CA ILE A 633 5.18 -1.21 -12.97
C ILE A 633 4.35 -0.98 -14.22
N MET A 634 3.37 -1.85 -14.45
CA MET A 634 2.63 -1.78 -15.70
C MET A 634 1.86 -0.48 -15.79
N ALA A 635 1.41 0.03 -14.65
CA ALA A 635 0.72 1.30 -14.66
C ALA A 635 1.64 2.42 -15.12
N SER A 636 2.80 2.56 -14.50
CA SER A 636 3.69 3.65 -14.90
C SER A 636 4.24 3.48 -16.31
N LEU A 637 4.14 2.28 -16.87
CA LEU A 637 4.43 2.09 -18.29
C LEU A 637 3.27 2.60 -19.15
N VAL A 638 2.09 1.97 -18.99
CA VAL A 638 0.83 2.37 -19.62
C VAL A 638 0.60 3.85 -19.61
N LEU A 639 0.99 4.50 -18.54
CA LEU A 639 0.83 5.91 -18.37
C LEU A 639 1.82 6.70 -19.22
N ALA A 640 2.63 6.02 -20.05
CA ALA A 640 3.65 6.64 -20.87
C ALA A 640 3.61 6.25 -22.34
N ARG A 641 2.65 5.42 -22.78
CA ARG A 641 2.57 5.11 -24.20
C ARG A 641 2.31 6.33 -25.08
N LYS A 642 2.04 7.49 -24.49
CA LYS A 642 1.83 8.70 -25.24
C LYS A 642 3.11 9.43 -25.60
N HIS A 643 4.27 8.91 -25.17
CA HIS A 643 5.56 9.56 -25.36
C HIS A 643 6.22 9.15 -26.65
N THR A 644 5.46 8.68 -27.63
CA THR A 644 6.03 8.02 -28.80
C THR A 644 6.65 8.98 -29.80
N THR A 645 6.92 10.22 -29.41
CA THR A 645 7.67 11.15 -30.22
C THR A 645 8.79 11.82 -29.44
N CYS A 646 8.84 11.56 -28.14
CA CYS A 646 9.77 12.21 -27.23
C CYS A 646 10.54 11.23 -26.36
N CYS A 647 10.26 9.94 -26.47
CA CYS A 647 10.95 8.91 -25.69
C CYS A 647 11.34 7.76 -26.59
N SER A 648 12.60 7.35 -26.50
CA SER A 648 13.05 6.11 -27.09
C SER A 648 12.86 4.99 -26.09
N LEU A 649 13.18 3.78 -26.53
CA LEU A 649 12.76 2.60 -25.79
C LEU A 649 13.67 2.35 -24.60
N SER A 650 14.97 2.56 -24.77
CA SER A 650 15.87 2.49 -23.62
C SER A 650 15.52 3.57 -22.60
N HIS A 651 15.15 4.74 -23.08
CA HIS A 651 14.80 5.82 -22.16
C HIS A 651 13.54 5.45 -21.40
N ARG A 652 12.68 4.65 -22.03
CA ARG A 652 11.47 4.17 -21.37
C ARG A 652 11.83 3.22 -20.24
N PHE A 653 12.71 2.28 -20.53
CA PHE A 653 13.23 1.39 -19.49
C PHE A 653 13.87 2.16 -18.33
N TYR A 654 14.59 3.23 -18.62
CA TYR A 654 15.30 3.94 -17.57
C TYR A 654 14.42 4.91 -16.81
N ARG A 655 13.44 5.51 -17.46
CA ARG A 655 12.31 6.09 -16.74
C ARG A 655 11.72 5.12 -15.74
N LEU A 656 11.22 3.99 -16.23
CA LEU A 656 10.57 3.00 -15.40
C LEU A 656 11.42 2.65 -14.20
N ALA A 657 12.70 2.40 -14.43
CA ALA A 657 13.57 2.04 -13.33
C ALA A 657 13.75 3.19 -12.36
N ASN A 658 13.88 4.42 -12.86
CA ASN A 658 14.20 5.48 -11.92
C ASN A 658 13.01 5.80 -11.06
N GLU A 659 11.80 5.56 -11.54
CA GLU A 659 10.66 5.70 -10.66
C GLU A 659 10.53 4.51 -9.72
N CYS A 660 10.88 3.30 -10.18
CA CYS A 660 10.75 2.16 -9.28
C CYS A 660 11.76 2.19 -8.15
N ALA A 661 12.86 2.92 -8.32
CA ALA A 661 13.76 3.21 -7.21
C ALA A 661 13.37 4.46 -6.44
N GLN A 662 12.65 5.38 -7.06
CA GLN A 662 12.30 6.60 -6.34
C GLN A 662 11.36 6.33 -5.20
N VAL A 663 10.29 5.58 -5.44
CA VAL A 663 9.17 5.57 -4.51
C VAL A 663 8.77 4.15 -4.10
N LEU A 664 9.05 3.16 -4.95
CA LEU A 664 8.54 1.83 -4.66
C LEU A 664 9.46 1.05 -3.72
N SER A 665 10.72 0.87 -4.08
CA SER A 665 11.65 0.05 -3.31
C SER A 665 12.79 0.91 -2.80
N GLU A 666 12.44 2.11 -2.38
CA GLU A 666 13.43 3.02 -1.83
C GLU A 666 13.70 2.60 -0.40
N MET A 667 14.46 3.41 0.33
CA MET A 667 14.81 3.10 1.71
C MET A 667 14.08 4.00 2.69
N VAL A 668 13.48 3.35 3.66
CA VAL A 668 12.48 3.94 4.54
C VAL A 668 13.14 4.35 5.84
N MET A 669 12.75 5.52 6.33
CA MET A 669 13.28 6.09 7.56
C MET A 669 12.16 6.13 8.59
N CYS A 670 11.96 5.01 9.28
CA CYS A 670 10.91 4.89 10.30
C CYS A 670 11.53 5.30 11.64
N GLY A 671 11.39 6.57 11.96
CA GLY A 671 12.04 7.14 13.12
C GLY A 671 13.38 7.72 12.75
N GLY A 672 14.43 7.10 13.28
CA GLY A 672 15.79 7.39 12.88
C GLY A 672 16.42 6.08 12.46
N SER A 673 15.66 5.30 11.71
CA SER A 673 15.97 3.89 11.49
C SER A 673 15.84 3.57 10.00
N LEU A 674 16.92 3.02 9.45
CA LEU A 674 17.04 2.78 8.02
C LEU A 674 16.53 1.38 7.68
N TYR A 675 15.67 1.30 6.67
CA TYR A 675 15.10 0.05 6.21
C TYR A 675 14.96 0.13 4.70
N VAL A 676 14.32 -0.88 4.12
CA VAL A 676 13.87 -0.86 2.73
C VAL A 676 12.43 -1.34 2.67
N LYS A 677 11.75 -0.98 1.58
CA LYS A 677 10.32 -1.21 1.43
C LYS A 677 10.10 -2.26 0.34
N PRO A 678 9.57 -3.45 0.65
CA PRO A 678 9.26 -4.41 -0.42
C PRO A 678 8.24 -3.88 -1.42
N GLY A 679 7.44 -2.90 -1.04
CA GLY A 679 6.40 -2.39 -1.91
C GLY A 679 5.32 -1.73 -1.09
N GLY A 680 4.26 -1.38 -1.79
CA GLY A 680 3.20 -0.59 -1.20
C GLY A 680 3.22 0.83 -1.70
N THR A 681 2.08 1.25 -2.20
CA THR A 681 1.97 2.56 -2.81
C THR A 681 2.37 3.64 -1.82
N SER A 682 2.90 4.73 -2.34
CA SER A 682 3.21 5.90 -1.55
C SER A 682 2.06 6.87 -1.74
N SER A 683 1.28 7.04 -0.68
CA SER A 683 0.01 7.73 -0.80
C SER A 683 0.19 9.22 -1.09
N GLY A 684 1.41 9.72 -1.04
CA GLY A 684 1.70 11.09 -1.40
C GLY A 684 2.18 11.25 -2.83
N ASP A 685 2.16 10.16 -3.60
CA ASP A 685 2.67 10.20 -4.96
C ASP A 685 1.81 11.11 -5.83
N ALA A 686 2.39 11.63 -6.90
CA ALA A 686 1.61 12.50 -7.77
C ALA A 686 0.51 11.73 -8.46
N THR A 687 0.73 10.46 -8.73
CA THR A 687 -0.12 9.66 -9.60
C THR A 687 -0.87 8.62 -8.82
N THR A 688 -1.13 8.87 -7.54
CA THR A 688 -1.76 7.88 -6.70
C THR A 688 -3.09 7.44 -7.26
N ALA A 689 -4.03 8.37 -7.33
CA ALA A 689 -5.41 8.00 -7.61
C ALA A 689 -5.56 7.51 -9.04
N TYR A 690 -4.74 8.02 -9.96
CA TYR A 690 -4.86 7.63 -11.35
C TYR A 690 -4.21 6.28 -11.57
N ALA A 691 -3.07 6.07 -10.94
CA ALA A 691 -2.44 4.77 -10.99
C ALA A 691 -3.35 3.73 -10.36
N ASN A 692 -4.00 4.09 -9.27
CA ASN A 692 -4.91 3.19 -8.61
C ASN A 692 -6.20 3.03 -9.38
N SER A 693 -6.55 4.01 -10.18
CA SER A 693 -7.66 3.84 -11.09
C SER A 693 -7.33 2.77 -12.09
N VAL A 694 -6.15 2.89 -12.68
CA VAL A 694 -5.67 1.89 -13.62
C VAL A 694 -5.68 0.54 -12.96
N PHE A 695 -5.17 0.49 -11.74
CA PHE A 695 -5.20 -0.70 -10.92
C PHE A 695 -6.61 -1.25 -10.82
N ASN A 696 -7.57 -0.34 -10.76
CA ASN A 696 -8.95 -0.72 -10.56
C ASN A 696 -9.49 -1.39 -11.81
N ILE A 697 -9.19 -0.82 -12.97
CA ILE A 697 -9.65 -1.46 -14.20
C ILE A 697 -8.92 -2.77 -14.43
N CYS A 698 -7.66 -2.85 -14.03
CA CYS A 698 -6.94 -4.10 -14.18
C CYS A 698 -7.66 -5.19 -13.43
N GLN A 699 -8.06 -4.85 -12.21
CA GLN A 699 -8.88 -5.77 -11.44
C GLN A 699 -10.20 -6.03 -12.14
N ALA A 700 -10.75 -5.00 -12.78
CA ALA A 700 -12.05 -5.12 -13.43
C ALA A 700 -12.01 -6.16 -14.52
N VAL A 701 -10.98 -6.11 -15.35
CA VAL A 701 -10.93 -7.04 -16.45
C VAL A 701 -10.59 -8.41 -15.95
N THR A 702 -9.76 -8.50 -14.91
CA THR A 702 -9.51 -9.80 -14.34
C THR A 702 -10.82 -10.45 -13.94
N ALA A 703 -11.71 -9.63 -13.40
CA ALA A 703 -13.02 -10.13 -13.03
C ALA A 703 -13.77 -10.57 -14.26
N ASN A 704 -13.79 -9.72 -15.29
CA ASN A 704 -14.40 -10.06 -16.56
C ASN A 704 -13.92 -11.41 -17.04
N VAL A 705 -12.64 -11.66 -16.90
CA VAL A 705 -12.04 -12.73 -17.66
C VAL A 705 -12.17 -14.03 -16.91
N ASN A 706 -11.72 -14.07 -15.65
CA ASN A 706 -11.88 -15.30 -14.88
C ASN A 706 -13.27 -15.42 -14.31
N ALA A 707 -14.13 -14.45 -14.60
CA ALA A 707 -15.52 -14.77 -14.80
C ALA A 707 -15.65 -15.62 -16.04
N LEU A 708 -15.20 -15.06 -17.16
CA LEU A 708 -15.46 -15.68 -18.43
C LEU A 708 -14.57 -16.92 -18.68
N LEU A 709 -13.55 -17.15 -17.83
CA LEU A 709 -12.69 -18.33 -18.02
C LEU A 709 -13.16 -19.57 -17.27
N SER A 710 -13.34 -19.51 -15.95
CA SER A 710 -13.90 -20.65 -15.23
C SER A 710 -15.41 -20.76 -15.30
N THR A 711 -16.12 -19.85 -15.98
CA THR A 711 -17.56 -20.00 -16.21
C THR A 711 -17.85 -21.23 -17.07
N ILE A 716 -21.73 -20.90 -21.16
CA ILE A 716 -21.77 -19.96 -22.28
C ILE A 716 -22.51 -20.61 -23.44
N ALA A 717 -23.61 -20.00 -23.87
CA ALA A 717 -24.39 -20.44 -25.03
C ALA A 717 -24.48 -19.40 -26.13
N ASP A 718 -24.74 -18.14 -25.81
CA ASP A 718 -24.76 -17.08 -26.81
C ASP A 718 -23.41 -16.99 -27.50
N LYS A 719 -23.36 -17.33 -28.78
CA LYS A 719 -22.05 -17.53 -29.42
C LYS A 719 -21.34 -16.22 -29.67
N TYR A 720 -22.03 -15.08 -29.56
CA TYR A 720 -21.32 -13.81 -29.40
C TYR A 720 -20.40 -13.91 -28.19
N VAL A 721 -20.93 -14.40 -27.08
CA VAL A 721 -20.12 -14.60 -25.88
C VAL A 721 -19.08 -15.68 -26.11
N ARG A 722 -19.47 -16.78 -26.74
CA ARG A 722 -18.56 -17.93 -26.82
C ARG A 722 -17.39 -17.60 -27.73
N ASN A 723 -17.66 -16.95 -28.86
CA ASN A 723 -16.55 -16.57 -29.73
C ASN A 723 -15.70 -15.50 -29.05
N LEU A 724 -16.31 -14.65 -28.22
CA LEU A 724 -15.53 -13.65 -27.51
C LEU A 724 -14.59 -14.31 -26.48
N GLN A 725 -15.05 -15.32 -25.73
CA GLN A 725 -14.13 -16.00 -24.82
C GLN A 725 -13.17 -16.91 -25.57
N HIS A 726 -13.63 -17.51 -26.66
CA HIS A 726 -12.76 -18.43 -27.37
C HIS A 726 -11.60 -17.66 -27.97
N ARG A 727 -11.88 -16.49 -28.52
CA ARG A 727 -10.80 -15.74 -29.11
C ARG A 727 -10.06 -14.96 -28.05
N LEU A 728 -10.62 -14.82 -26.84
CA LEU A 728 -9.75 -14.61 -25.68
C LEU A 728 -8.72 -15.72 -25.56
N TYR A 729 -9.18 -16.96 -25.36
CA TYR A 729 -8.29 -18.10 -25.13
C TYR A 729 -7.16 -18.12 -26.14
N GLU A 730 -7.54 -18.13 -27.40
CA GLU A 730 -6.58 -18.09 -28.48
C GLU A 730 -6.11 -16.69 -28.84
N CYS A 731 -6.38 -15.68 -28.00
CA CYS A 731 -5.55 -14.49 -27.96
C CYS A 731 -4.44 -14.61 -26.93
N LEU A 732 -4.73 -15.24 -25.79
CA LEU A 732 -3.77 -15.31 -24.69
C LEU A 732 -3.01 -16.62 -24.65
N TYR A 733 -3.73 -17.71 -24.40
CA TYR A 733 -3.14 -19.04 -24.26
C TYR A 733 -2.32 -19.46 -25.49
N ARG A 734 -2.56 -18.83 -26.66
CA ARG A 734 -2.00 -19.29 -27.92
C ARG A 734 -1.54 -18.15 -28.83
N ASN A 735 -1.60 -16.89 -28.37
CA ASN A 735 -1.30 -15.77 -29.25
C ASN A 735 -0.76 -14.63 -28.42
N ARG A 736 -0.21 -13.64 -29.10
CA ARG A 736 0.68 -12.65 -28.51
C ARG A 736 0.38 -11.23 -28.91
N ASP A 737 -0.23 -11.01 -30.07
CA ASP A 737 -0.03 -9.77 -30.77
C ASP A 737 -1.01 -8.69 -30.35
N VAL A 738 -0.54 -7.46 -30.36
CA VAL A 738 -1.37 -6.29 -30.11
C VAL A 738 -2.36 -6.12 -31.28
N ASP A 739 -3.63 -6.49 -31.04
CA ASP A 739 -4.67 -6.62 -32.07
C ASP A 739 -5.87 -5.75 -31.65
N THR A 740 -6.36 -4.93 -32.57
CA THR A 740 -7.41 -3.97 -32.24
C THR A 740 -8.83 -4.53 -32.35
N ASP A 741 -9.01 -5.69 -32.99
CA ASP A 741 -10.37 -6.08 -33.37
C ASP A 741 -11.08 -6.86 -32.27
N PHE A 742 -10.49 -7.94 -31.76
CA PHE A 742 -11.01 -8.60 -30.55
C PHE A 742 -11.11 -7.59 -29.43
N VAL A 743 -10.11 -6.72 -29.36
CA VAL A 743 -10.10 -5.59 -28.45
C VAL A 743 -11.41 -4.83 -28.51
N ASN A 744 -11.77 -4.31 -29.68
CA ASN A 744 -12.92 -3.42 -29.70
C ASN A 744 -14.23 -4.18 -29.62
N GLU A 745 -14.24 -5.43 -30.10
CA GLU A 745 -15.36 -6.34 -29.85
C GLU A 745 -15.70 -6.39 -28.36
N PHE A 746 -14.77 -6.90 -27.56
CA PHE A 746 -14.84 -6.80 -26.11
C PHE A 746 -15.21 -5.41 -25.61
N TYR A 747 -14.50 -4.39 -26.09
CA TYR A 747 -14.62 -3.05 -25.53
C TYR A 747 -16.03 -2.47 -25.64
N ALA A 748 -16.61 -2.51 -26.83
CA ALA A 748 -17.97 -2.03 -26.96
C ALA A 748 -18.95 -2.99 -26.31
N TYR A 749 -18.61 -4.29 -26.27
CA TYR A 749 -19.43 -5.25 -25.53
C TYR A 749 -19.57 -4.83 -24.09
N LEU A 750 -18.44 -4.58 -23.46
CA LEU A 750 -18.39 -3.93 -22.16
C LEU A 750 -19.26 -2.69 -22.12
N ARG A 751 -18.94 -1.71 -22.94
CA ARG A 751 -19.57 -0.41 -22.79
C ARG A 751 -21.08 -0.46 -22.97
N LYS A 752 -21.55 -1.43 -23.75
CA LYS A 752 -22.97 -1.69 -23.86
C LYS A 752 -23.50 -2.28 -22.57
N HIS A 753 -22.87 -3.35 -22.12
CA HIS A 753 -23.48 -4.30 -21.22
C HIS A 753 -23.02 -4.20 -19.78
N PHE A 754 -21.91 -3.51 -19.52
CA PHE A 754 -21.27 -3.47 -18.20
C PHE A 754 -20.60 -2.10 -18.16
N SER A 755 -21.35 -1.10 -17.74
CA SER A 755 -20.93 0.26 -17.94
C SER A 755 -20.82 0.94 -16.59
N MET A 756 -19.78 1.76 -16.53
CA MET A 756 -19.01 1.89 -15.31
C MET A 756 -18.66 3.34 -15.06
N MET A 757 -18.38 3.66 -13.80
CA MET A 757 -17.69 4.88 -13.46
C MET A 757 -16.84 4.64 -12.22
N ILE A 758 -15.82 5.49 -12.08
CA ILE A 758 -14.63 5.10 -11.32
C ILE A 758 -14.11 6.28 -10.53
N LEU A 759 -13.76 6.05 -9.26
CA LEU A 759 -12.80 6.92 -8.59
C LEU A 759 -11.93 6.10 -7.62
N SER A 760 -10.84 5.56 -8.17
CA SER A 760 -9.58 5.17 -7.51
C SER A 760 -9.63 3.93 -6.63
N ASP A 761 -10.77 3.70 -6.01
CA ASP A 761 -11.19 2.37 -5.60
C ASP A 761 -12.70 2.21 -5.74
N ASP A 762 -13.41 3.34 -5.83
CA ASP A 762 -14.87 3.35 -5.87
C ASP A 762 -15.30 2.93 -7.25
N ALA A 763 -15.71 1.67 -7.36
CA ALA A 763 -15.99 1.02 -8.63
C ALA A 763 -17.49 0.85 -8.80
N VAL A 764 -18.16 1.85 -9.40
CA VAL A 764 -19.60 1.81 -9.57
C VAL A 764 -19.93 1.19 -10.90
N VAL A 765 -20.90 0.30 -10.88
CA VAL A 765 -21.09 -0.63 -11.97
C VAL A 765 -22.59 -0.81 -12.20
N CYS A 766 -23.12 -0.21 -13.27
CA CYS A 766 -24.39 -0.65 -13.80
C CYS A 766 -24.07 -1.81 -14.72
N PHE A 767 -24.78 -2.91 -14.57
CA PHE A 767 -24.39 -4.11 -15.28
C PHE A 767 -25.56 -5.06 -15.43
N ASN A 768 -25.34 -6.04 -16.30
CA ASN A 768 -26.40 -6.94 -16.70
C ASN A 768 -26.49 -8.11 -15.72
N SER A 769 -27.67 -8.27 -15.14
CA SER A 769 -27.88 -9.41 -14.28
C SER A 769 -27.72 -10.72 -15.03
N THR A 770 -28.19 -10.79 -16.28
CA THR A 770 -28.06 -12.01 -17.08
C THR A 770 -26.62 -12.43 -17.21
N TYR A 771 -25.82 -11.58 -17.85
CA TYR A 771 -24.43 -11.92 -18.05
C TYR A 771 -23.71 -12.07 -16.73
N ALA A 772 -24.07 -11.24 -15.75
CA ALA A 772 -23.47 -11.39 -14.44
C ALA A 772 -23.92 -12.68 -13.78
N SER A 773 -25.15 -13.10 -14.07
CA SER A 773 -25.64 -14.36 -13.53
C SER A 773 -25.14 -15.57 -14.33
N GLN A 774 -24.47 -15.35 -15.47
CA GLN A 774 -23.97 -16.44 -16.29
C GLN A 774 -22.52 -16.80 -16.02
N GLY A 775 -21.69 -15.81 -15.70
CA GLY A 775 -20.26 -16.01 -15.56
C GLY A 775 -19.45 -15.28 -16.62
N LEU A 776 -20.03 -14.20 -17.15
CA LEU A 776 -19.33 -13.34 -18.08
C LEU A 776 -18.72 -12.13 -17.42
N VAL A 777 -19.46 -11.46 -16.53
CA VAL A 777 -19.16 -10.12 -16.06
C VAL A 777 -19.13 -10.13 -14.54
N ALA A 778 -18.97 -8.95 -13.93
CA ALA A 778 -18.46 -8.82 -12.58
C ALA A 778 -19.48 -9.13 -11.51
N SER A 779 -19.09 -9.99 -10.56
CA SER A 779 -19.71 -10.07 -9.25
C SER A 779 -18.59 -10.13 -8.21
N ILE A 780 -18.93 -9.72 -6.99
CA ILE A 780 -17.94 -9.46 -5.94
C ILE A 780 -17.08 -10.67 -5.66
N LYS A 781 -17.66 -11.86 -5.80
CA LYS A 781 -16.99 -13.09 -5.37
C LYS A 781 -15.66 -13.26 -6.08
N ASN A 782 -15.61 -12.90 -7.37
CA ASN A 782 -14.42 -13.11 -8.16
C ASN A 782 -13.29 -12.21 -7.64
N PHE A 783 -13.66 -11.03 -7.19
CA PHE A 783 -12.70 -10.02 -6.73
C PHE A 783 -12.10 -10.44 -5.42
N LYS A 784 -12.98 -10.77 -4.47
CA LYS A 784 -12.60 -11.44 -3.23
C LYS A 784 -11.55 -12.51 -3.48
N SER A 785 -11.90 -13.51 -4.31
CA SER A 785 -10.95 -14.56 -4.65
C SER A 785 -9.66 -13.96 -5.18
N VAL A 786 -9.79 -12.97 -6.07
CA VAL A 786 -8.65 -12.50 -6.83
C VAL A 786 -7.63 -11.86 -5.93
N LEU A 787 -8.04 -10.86 -5.19
CA LEU A 787 -7.10 -10.25 -4.26
C LEU A 787 -6.67 -11.21 -3.16
N TYR A 788 -7.43 -12.28 -2.92
CA TYR A 788 -6.95 -13.35 -2.06
C TYR A 788 -5.87 -14.17 -2.77
N TYR A 789 -5.82 -14.12 -4.11
CA TYR A 789 -4.78 -14.78 -4.89
C TYR A 789 -4.05 -13.84 -5.84
N GLN A 790 -4.26 -12.53 -5.75
CA GLN A 790 -3.49 -11.59 -6.55
C GLN A 790 -3.05 -10.32 -5.84
N ASN A 791 -3.69 -9.93 -4.73
CA ASN A 791 -3.32 -8.73 -3.99
C ASN A 791 -3.21 -9.00 -2.50
N ASN A 792 -3.36 -10.25 -2.07
CA ASN A 792 -2.99 -10.65 -0.70
C ASN A 792 -3.99 -10.12 0.32
N VAL A 793 -5.29 -10.12 -0.01
CA VAL A 793 -6.30 -9.63 0.93
C VAL A 793 -7.60 -10.38 0.64
N PHE A 794 -8.49 -10.41 1.64
CA PHE A 794 -9.86 -10.88 1.49
C PHE A 794 -10.77 -9.67 1.42
N MET A 795 -11.69 -9.67 0.46
CA MET A 795 -12.62 -8.57 0.25
C MET A 795 -14.01 -9.08 0.58
N SER A 796 -14.47 -8.73 1.78
CA SER A 796 -15.74 -9.23 2.28
C SER A 796 -16.89 -8.43 1.71
N GLU A 797 -17.81 -9.14 1.06
CA GLU A 797 -19.03 -8.55 0.52
C GLU A 797 -19.81 -7.72 1.54
N ALA A 798 -19.60 -7.95 2.84
CA ALA A 798 -20.25 -7.17 3.88
C ALA A 798 -20.02 -5.68 3.69
N LYS A 799 -18.86 -5.30 3.22
CA LYS A 799 -18.56 -3.92 2.91
C LYS A 799 -18.98 -3.54 1.51
N CYS A 800 -19.18 -4.51 0.62
CA CYS A 800 -19.71 -4.27 -0.70
C CYS A 800 -21.22 -4.16 -0.64
N TRP A 801 -21.83 -3.75 -1.74
CA TRP A 801 -23.27 -3.79 -1.84
C TRP A 801 -23.72 -3.95 -3.28
N THR A 802 -24.99 -4.31 -3.40
CA THR A 802 -25.60 -4.63 -4.68
C THR A 802 -27.04 -4.14 -4.62
N GLU A 803 -27.33 -3.02 -5.28
CA GLU A 803 -28.69 -2.49 -5.34
C GLU A 803 -29.35 -3.01 -6.61
N THR A 804 -30.46 -3.71 -6.41
CA THR A 804 -31.21 -4.31 -7.50
C THR A 804 -32.39 -3.45 -7.90
N ASP A 805 -32.21 -2.15 -7.93
CA ASP A 805 -33.22 -1.24 -8.40
C ASP A 805 -32.56 0.08 -8.75
N LEU A 806 -32.38 0.32 -10.05
CA LEU A 806 -31.75 1.55 -10.50
C LEU A 806 -32.49 2.79 -10.02
N THR A 807 -33.79 2.69 -9.75
CA THR A 807 -34.54 3.84 -9.26
C THR A 807 -33.98 4.32 -7.93
N LYS A 808 -33.66 3.39 -7.05
CA LYS A 808 -33.00 3.74 -5.79
C LYS A 808 -31.51 3.82 -6.01
N GLY A 809 -30.95 4.99 -5.74
CA GLY A 809 -29.59 5.26 -6.11
C GLY A 809 -28.61 4.44 -5.30
N PRO A 810 -27.33 4.73 -5.49
CA PRO A 810 -26.31 3.88 -4.89
C PRO A 810 -26.18 4.07 -3.39
N HIS A 811 -25.91 2.96 -2.74
CA HIS A 811 -25.65 2.93 -1.31
C HIS A 811 -24.40 3.74 -0.97
N GLU A 812 -23.35 3.59 -1.78
CA GLU A 812 -22.08 4.25 -1.50
C GLU A 812 -21.47 4.83 -2.76
N PHE A 813 -20.93 6.04 -2.60
CA PHE A 813 -19.89 6.55 -3.49
C PHE A 813 -19.31 7.80 -2.85
N CYS A 814 -17.99 7.81 -2.65
CA CYS A 814 -17.28 8.95 -2.07
C CYS A 814 -17.97 9.49 -0.83
N SER A 815 -18.34 8.58 0.06
CA SER A 815 -18.99 8.90 1.33
C SER A 815 -20.40 9.42 1.12
N GLN A 816 -21.12 8.83 0.14
CA GLN A 816 -22.45 9.31 -0.18
C GLN A 816 -23.37 8.16 -0.53
N HIS A 817 -24.60 8.23 -0.03
CA HIS A 817 -25.70 7.38 -0.44
C HIS A 817 -26.53 8.15 -1.45
N THR A 818 -27.66 7.59 -1.89
CA THR A 818 -28.48 8.24 -2.89
C THR A 818 -29.93 7.82 -2.77
N MET A 819 -30.84 8.69 -3.22
CA MET A 819 -32.28 8.49 -3.21
C MET A 819 -32.85 8.94 -4.55
N LEU A 820 -34.18 8.92 -4.63
CA LEU A 820 -34.93 9.32 -5.81
C LEU A 820 -36.10 10.20 -5.43
N VAL A 821 -36.13 11.41 -5.99
CA VAL A 821 -37.08 12.44 -5.63
C VAL A 821 -37.58 13.12 -6.90
N LYS A 822 -38.33 14.21 -6.75
CA LYS A 822 -38.82 15.00 -7.87
C LYS A 822 -37.90 16.19 -8.13
N GLN A 823 -37.81 16.58 -9.41
CA GLN A 823 -37.05 17.75 -9.85
C GLN A 823 -37.75 18.21 -11.14
N GLY A 824 -38.24 19.45 -11.11
CA GLY A 824 -38.82 20.11 -12.27
C GLY A 824 -39.71 19.26 -13.17
N ASP A 825 -40.77 18.70 -12.59
CA ASP A 825 -41.79 17.93 -13.30
C ASP A 825 -41.38 16.50 -13.62
N ASP A 826 -40.29 15.97 -13.07
CA ASP A 826 -39.98 14.56 -13.28
C ASP A 826 -38.97 14.12 -12.25
N TYR A 827 -38.85 12.82 -12.07
CA TYR A 827 -38.10 12.31 -10.93
C TYR A 827 -36.65 12.02 -11.32
N VAL A 828 -35.77 12.21 -10.35
CA VAL A 828 -34.32 12.24 -10.54
C VAL A 828 -33.68 11.58 -9.35
N TYR A 829 -32.38 11.31 -9.46
CA TYR A 829 -31.64 10.74 -8.35
C TYR A 829 -30.85 11.85 -7.66
N LEU A 830 -30.96 11.90 -6.34
CA LEU A 830 -30.23 12.86 -5.54
C LEU A 830 -29.29 12.13 -4.59
N PRO A 831 -28.03 12.52 -4.56
CA PRO A 831 -27.10 11.89 -3.62
C PRO A 831 -27.31 12.50 -2.24
N TYR A 832 -26.87 11.88 -1.16
CA TYR A 832 -27.02 12.50 0.16
C TYR A 832 -26.01 11.90 1.13
N PRO A 833 -25.47 12.69 2.07
CA PRO A 833 -24.42 12.18 2.96
C PRO A 833 -24.97 11.53 4.25
N ASP A 834 -24.02 11.07 5.08
CA ASP A 834 -24.28 10.49 6.42
C ASP A 834 -24.24 11.58 7.49
N PRO A 835 -25.29 11.76 8.31
CA PRO A 835 -25.27 12.92 9.22
C PRO A 835 -24.20 12.81 10.28
N SER A 836 -23.85 11.58 10.66
CA SER A 836 -22.90 11.37 11.75
C SER A 836 -21.55 11.98 11.42
N ARG A 837 -21.18 11.94 10.14
CA ARG A 837 -19.91 12.52 9.72
C ARG A 837 -19.87 14.01 9.99
N ILE A 838 -20.88 14.74 9.51
CA ILE A 838 -20.88 16.19 9.69
C ILE A 838 -21.03 16.52 11.17
N LEU A 839 -21.84 15.72 11.87
CA LEU A 839 -21.98 15.88 13.30
C LEU A 839 -20.65 15.81 14.00
N GLY A 840 -19.89 14.75 13.76
CA GLY A 840 -18.60 14.61 14.41
C GLY A 840 -17.66 15.72 14.01
N ALA A 841 -17.57 16.02 12.71
CA ALA A 841 -16.58 16.99 12.25
C ALA A 841 -16.90 18.40 12.71
N GLY A 842 -18.16 18.71 12.93
CA GLY A 842 -18.51 20.01 13.45
C GLY A 842 -18.31 20.03 14.94
N CYS A 843 -18.65 18.92 15.59
CA CYS A 843 -18.52 18.84 17.05
C CYS A 843 -17.06 18.62 17.46
N PHE A 844 -16.22 18.15 16.54
CA PHE A 844 -14.83 17.88 16.82
C PHE A 844 -13.96 18.44 15.71
N VAL A 845 -13.00 19.24 16.13
CA VAL A 845 -12.19 20.07 15.24
C VAL A 845 -10.74 19.74 15.52
N ASP A 846 -9.90 19.88 14.50
CA ASP A 846 -8.46 19.71 14.65
C ASP A 846 -7.80 21.08 14.76
N ASP A 847 -8.16 21.79 15.83
CA ASP A 847 -7.57 23.09 16.19
C ASP A 847 -7.66 24.09 15.03
N ILE A 848 -8.90 24.43 14.68
CA ILE A 848 -9.19 25.24 13.51
C ILE A 848 -10.03 26.43 13.95
N VAL A 849 -11.15 26.12 14.62
CA VAL A 849 -11.94 27.17 15.26
C VAL A 849 -11.23 27.67 16.50
N LYS A 850 -10.23 26.93 16.99
CA LYS A 850 -9.33 27.44 18.02
C LYS A 850 -8.69 28.77 17.63
N THR A 851 -8.42 28.99 16.35
CA THR A 851 -7.69 30.18 15.93
C THR A 851 -8.57 31.42 15.92
N ASP A 852 -9.58 31.43 15.06
CA ASP A 852 -10.53 32.53 14.97
C ASP A 852 -11.89 31.96 14.60
N GLY A 853 -12.90 32.82 14.65
CA GLY A 853 -14.20 32.52 14.10
C GLY A 853 -14.37 32.92 12.65
N THR A 854 -13.35 33.55 12.05
CA THR A 854 -13.43 33.96 10.65
C THR A 854 -13.64 32.75 9.75
N LEU A 855 -12.65 31.88 9.73
CA LEU A 855 -12.61 30.71 8.85
C LEU A 855 -13.77 29.75 9.08
N MET A 856 -14.15 29.50 10.33
CA MET A 856 -15.08 28.41 10.64
C MET A 856 -16.48 28.66 10.10
N ILE A 857 -16.78 29.90 9.72
CA ILE A 857 -17.97 30.16 8.92
C ILE A 857 -17.94 29.25 7.70
N GLU A 858 -16.81 29.26 7.00
CA GLU A 858 -16.62 28.40 5.84
C GLU A 858 -16.70 26.95 6.24
N ARG A 859 -16.18 26.60 7.42
CA ARG A 859 -16.26 25.23 7.91
C ARG A 859 -17.69 24.75 7.95
N PHE A 860 -18.53 25.45 8.73
CA PHE A 860 -19.86 24.94 8.95
C PHE A 860 -20.68 24.99 7.69
N VAL A 861 -20.53 26.03 6.88
CA VAL A 861 -21.38 26.13 5.69
C VAL A 861 -20.94 25.10 4.66
N SER A 862 -19.64 24.78 4.63
CA SER A 862 -19.15 23.71 3.77
C SER A 862 -19.77 22.41 4.16
N LEU A 863 -19.83 22.17 5.46
CA LEU A 863 -20.51 21.01 5.97
C LEU A 863 -22.00 21.07 5.70
N ALA A 864 -22.56 22.28 5.61
CA ALA A 864 -23.99 22.50 5.60
C ALA A 864 -24.60 22.22 4.24
N ILE A 865 -23.95 22.69 3.17
CA ILE A 865 -24.42 22.36 1.83
C ILE A 865 -24.46 20.87 1.61
N ASP A 866 -23.56 20.12 2.26
CA ASP A 866 -23.36 18.70 2.02
C ASP A 866 -24.65 17.90 2.07
N ALA A 867 -25.62 18.33 2.88
CA ALA A 867 -26.75 17.49 3.26
C ALA A 867 -28.10 18.16 3.14
N TYR A 868 -28.27 19.15 2.27
CA TYR A 868 -29.61 19.59 1.90
C TYR A 868 -30.55 18.49 1.40
N PRO A 869 -30.09 17.41 0.75
CA PRO A 869 -31.06 16.40 0.26
C PRO A 869 -31.84 15.72 1.35
N LEU A 870 -31.37 15.77 2.59
CA LEU A 870 -32.18 15.24 3.68
C LEU A 870 -33.49 15.99 3.80
N THR A 871 -33.48 17.28 3.47
CA THR A 871 -34.70 18.05 3.41
C THR A 871 -35.73 17.41 2.48
N LYS A 872 -35.28 16.61 1.53
CA LYS A 872 -36.14 15.92 0.57
C LYS A 872 -36.51 14.52 1.01
N HIS A 873 -36.03 14.06 2.17
CA HIS A 873 -36.13 12.66 2.56
C HIS A 873 -37.21 12.49 3.63
N PRO A 874 -37.88 11.32 3.73
CA PRO A 874 -39.08 11.25 4.58
C PRO A 874 -38.87 11.53 6.06
N ASN A 875 -37.78 11.07 6.66
CA ASN A 875 -37.60 11.21 8.10
C ASN A 875 -37.50 12.68 8.49
N GLN A 876 -38.06 13.01 9.65
CA GLN A 876 -38.13 14.39 10.08
C GLN A 876 -36.80 14.91 10.57
N GLU A 877 -36.13 14.19 11.45
CA GLU A 877 -34.93 14.73 12.05
C GLU A 877 -33.73 14.56 11.16
N TYR A 878 -33.80 13.63 10.20
CA TYR A 878 -32.90 13.72 9.05
C TYR A 878 -33.00 15.10 8.43
N ALA A 879 -34.21 15.66 8.36
CA ALA A 879 -34.37 17.00 7.84
C ALA A 879 -33.85 18.04 8.81
N ASP A 880 -34.21 17.93 10.09
CA ASP A 880 -33.81 18.96 11.03
C ASP A 880 -32.35 18.92 11.35
N VAL A 881 -31.63 17.93 10.86
CA VAL A 881 -30.21 18.11 10.61
C VAL A 881 -30.01 19.45 9.92
N PHE A 882 -30.71 19.61 8.80
CA PHE A 882 -30.58 20.81 8.02
C PHE A 882 -31.09 22.00 8.78
N HIS A 883 -32.16 21.82 9.56
CA HIS A 883 -32.78 22.98 10.20
C HIS A 883 -31.97 23.45 11.38
N LEU A 884 -31.39 22.52 12.13
CA LEU A 884 -30.34 22.86 13.06
C LEU A 884 -29.28 23.68 12.40
N TYR A 885 -28.77 23.21 11.28
CA TYR A 885 -27.66 23.92 10.68
C TYR A 885 -28.09 25.29 10.24
N LEU A 886 -29.30 25.38 9.71
CA LEU A 886 -29.87 26.68 9.36
C LEU A 886 -29.86 27.61 10.56
N GLN A 887 -30.40 27.14 11.68
CA GLN A 887 -30.56 28.03 12.82
C GLN A 887 -29.22 28.36 13.41
N TYR A 888 -28.26 27.45 13.28
CA TYR A 888 -26.92 27.73 13.73
C TYR A 888 -26.26 28.75 12.83
N ILE A 889 -26.47 28.59 11.54
CA ILE A 889 -25.95 29.50 10.54
C ILE A 889 -26.50 30.89 10.75
N ARG A 890 -27.77 30.98 11.16
CA ARG A 890 -28.36 32.28 11.48
C ARG A 890 -27.85 32.78 12.82
N LYS A 891 -27.60 31.85 13.75
CA LYS A 891 -27.00 32.20 15.03
C LYS A 891 -25.64 32.86 14.81
N LEU A 892 -24.93 32.41 13.79
CA LEU A 892 -23.63 32.98 13.46
C LEU A 892 -23.77 34.26 12.67
N HIS A 893 -24.75 34.31 11.76
CA HIS A 893 -24.98 35.56 11.04
C HIS A 893 -25.45 36.67 11.97
N ASP A 894 -25.90 36.32 13.18
CA ASP A 894 -26.02 37.30 14.23
C ASP A 894 -24.71 38.05 14.41
N GLU A 895 -23.63 37.31 14.68
CA GLU A 895 -22.31 37.93 14.73
C GLU A 895 -21.91 38.50 13.37
N LEU A 896 -22.38 37.90 12.28
CA LEU A 896 -21.96 38.27 10.93
C LEU A 896 -23.10 38.93 10.16
N MET A 907 -24.30 30.27 2.33
CA MET A 907 -25.56 30.99 2.28
C MET A 907 -26.19 30.98 3.67
N LEU A 908 -26.54 32.17 4.15
CA LEU A 908 -27.18 32.30 5.46
C LEU A 908 -28.52 31.58 5.50
N THR A 909 -29.23 31.53 4.37
CA THR A 909 -30.46 30.77 4.25
C THR A 909 -30.24 29.56 3.33
N ASN A 910 -31.33 28.89 2.94
CA ASN A 910 -31.26 27.79 1.98
C ASN A 910 -31.46 28.28 0.55
N ASP A 911 -31.05 29.50 0.24
CA ASP A 911 -31.33 30.07 -1.08
C ASP A 911 -30.60 29.27 -2.16
N ASN A 912 -29.27 29.27 -2.10
CA ASN A 912 -28.52 28.54 -3.11
C ASN A 912 -28.55 27.06 -2.84
N THR A 913 -28.69 26.66 -1.58
CA THR A 913 -28.60 25.25 -1.21
C THR A 913 -29.65 24.36 -1.93
N SER A 914 -30.67 24.95 -2.57
CA SER A 914 -31.56 24.21 -3.46
C SER A 914 -31.18 24.37 -4.92
N ARG A 915 -30.75 25.55 -5.35
CA ARG A 915 -30.32 25.77 -6.73
C ARG A 915 -29.10 24.95 -7.11
N TYR A 916 -28.42 24.31 -6.17
CA TYR A 916 -27.35 23.37 -6.48
C TYR A 916 -27.85 22.01 -6.94
N TRP A 917 -29.16 21.84 -7.13
CA TRP A 917 -29.67 20.73 -7.93
C TRP A 917 -30.75 21.22 -8.86
N GLU A 918 -30.45 22.30 -9.57
CA GLU A 918 -31.24 22.73 -10.72
C GLU A 918 -30.21 23.17 -11.76
N PRO A 919 -29.76 22.27 -12.65
CA PRO A 919 -28.64 22.61 -13.54
C PRO A 919 -28.88 23.86 -14.38
N GLU A 920 -27.84 24.68 -14.45
CA GLU A 920 -27.93 26.03 -14.99
C GLU A 920 -27.99 26.01 -16.51
N ASP B 79 17.60 34.70 -2.81
CA ASP B 79 17.64 33.44 -3.54
C ASP B 79 17.91 32.27 -2.59
N LYS B 80 16.84 31.63 -2.12
CA LYS B 80 16.98 30.50 -1.21
C LYS B 80 17.53 29.27 -1.91
N ARG B 81 17.57 29.28 -3.25
CA ARG B 81 18.35 28.29 -3.98
C ARG B 81 19.77 28.25 -3.45
N ALA B 82 20.45 29.38 -3.48
CA ALA B 82 21.81 29.43 -2.97
C ALA B 82 21.86 29.13 -1.48
N LYS B 83 20.77 29.39 -0.75
CA LYS B 83 20.76 29.16 0.68
C LYS B 83 20.82 27.66 1.00
N VAL B 84 19.86 26.91 0.45
CA VAL B 84 19.88 25.46 0.61
C VAL B 84 21.14 24.88 -0.03
N THR B 85 21.65 25.53 -1.06
CA THR B 85 22.89 25.07 -1.68
C THR B 85 24.04 25.15 -0.70
N SER B 86 24.18 26.30 -0.04
CA SER B 86 25.18 26.47 1.01
C SER B 86 24.99 25.43 2.11
N ALA B 87 23.74 25.21 2.50
CA ALA B 87 23.45 24.27 3.57
C ALA B 87 23.89 22.86 3.20
N MET B 88 23.58 22.43 1.99
CA MET B 88 23.83 21.05 1.63
C MET B 88 25.29 20.82 1.27
N GLN B 89 25.98 21.86 0.82
CA GLN B 89 27.43 21.70 0.66
C GLN B 89 28.09 21.59 2.02
N THR B 90 27.62 22.36 3.02
CA THR B 90 28.18 22.21 4.36
C THR B 90 27.90 20.81 4.89
N MET B 91 26.69 20.30 4.61
CA MET B 91 26.33 18.93 4.95
C MET B 91 27.29 17.92 4.35
N LEU B 92 27.36 17.89 3.02
CA LEU B 92 28.09 16.82 2.33
C LEU B 92 29.59 16.94 2.56
N PHE B 93 30.08 18.14 2.87
CA PHE B 93 31.46 18.31 3.28
C PHE B 93 31.71 17.84 4.69
N THR B 94 30.81 18.17 5.63
CA THR B 94 31.04 17.83 7.03
C THR B 94 30.82 16.34 7.28
N MET B 95 30.18 15.64 6.34
CA MET B 95 30.09 14.19 6.45
C MET B 95 31.46 13.53 6.57
N LEU B 96 32.48 14.04 5.89
CA LEU B 96 33.77 13.35 5.85
C LEU B 96 34.48 13.33 7.19
N ARG B 97 33.96 14.02 8.20
CA ARG B 97 34.55 13.94 9.53
C ARG B 97 34.51 12.54 10.14
N LYS B 98 33.80 11.59 9.53
CA LYS B 98 33.82 10.20 9.95
C LYS B 98 33.81 9.25 8.75
N LEU B 99 34.29 9.69 7.59
CA LEU B 99 34.32 8.87 6.39
C LEU B 99 35.69 8.30 6.09
N ASP B 100 36.74 9.12 6.15
CA ASP B 100 38.09 8.64 5.82
C ASP B 100 38.58 7.72 6.93
N ASN B 101 38.16 6.46 6.86
CA ASN B 101 38.43 5.47 7.89
C ASN B 101 39.73 4.72 7.68
N ASP B 102 40.19 4.65 6.43
CA ASP B 102 41.19 3.76 5.88
C ASP B 102 40.68 2.31 5.75
N ALA B 103 39.48 1.98 6.23
CA ALA B 103 38.91 0.67 5.97
C ALA B 103 38.22 0.63 4.61
N LEU B 104 37.52 1.71 4.31
CA LEU B 104 36.94 1.95 3.00
C LEU B 104 37.88 1.60 1.86
N ASN B 105 39.12 2.08 1.89
CA ASN B 105 40.03 1.73 0.81
C ASN B 105 40.45 0.28 0.93
N ASN B 106 40.61 -0.20 2.17
CA ASN B 106 41.03 -1.57 2.41
C ASN B 106 40.06 -2.60 1.88
N ILE B 107 38.82 -2.21 1.58
CA ILE B 107 37.84 -3.14 1.05
C ILE B 107 37.32 -2.73 -0.33
N ILE B 108 37.57 -1.49 -0.79
CA ILE B 108 37.35 -1.22 -2.22
C ILE B 108 38.44 -1.89 -3.01
N ASN B 109 39.65 -1.99 -2.45
CA ASN B 109 40.73 -2.65 -3.16
C ASN B 109 40.67 -4.17 -3.06
N ASN B 110 39.59 -4.74 -2.50
CA ASN B 110 39.38 -6.18 -2.51
C ASN B 110 38.79 -6.70 -3.81
N ALA B 111 37.70 -6.11 -4.26
CA ALA B 111 36.92 -6.62 -5.37
C ALA B 111 37.22 -5.84 -6.65
N ARG B 112 36.67 -6.32 -7.76
CA ARG B 112 36.83 -5.66 -9.02
C ARG B 112 36.00 -4.38 -9.05
N ASP B 113 36.33 -3.52 -10.03
CA ASP B 113 35.53 -2.41 -10.53
C ASP B 113 34.77 -1.61 -9.48
N GLY B 114 35.36 -1.47 -8.29
CA GLY B 114 34.90 -0.54 -7.27
C GLY B 114 33.41 -0.45 -6.94
N CYS B 115 32.63 -1.52 -7.09
CA CYS B 115 31.19 -1.44 -6.88
C CYS B 115 30.65 -2.66 -6.16
N VAL B 116 30.02 -2.41 -5.01
CA VAL B 116 29.42 -3.44 -4.16
C VAL B 116 28.17 -2.81 -3.55
N PRO B 117 27.29 -3.56 -2.89
CA PRO B 117 26.05 -2.96 -2.35
C PRO B 117 26.25 -1.88 -1.29
N LEU B 118 25.13 -1.37 -0.80
CA LEU B 118 25.08 -0.41 0.30
C LEU B 118 24.44 -0.99 1.54
N ASN B 119 23.80 -2.15 1.42
CA ASN B 119 23.34 -2.93 2.56
C ASN B 119 24.43 -3.12 3.60
N ILE B 120 25.66 -3.36 3.14
CA ILE B 120 26.73 -3.85 4.01
C ILE B 120 27.83 -2.83 4.25
N ILE B 121 27.68 -1.60 3.75
CA ILE B 121 28.76 -0.63 3.93
C ILE B 121 28.94 -0.20 5.35
N PRO B 122 27.98 0.52 6.01
CA PRO B 122 28.12 0.70 7.46
C PRO B 122 27.80 -0.54 8.29
N LEU B 123 27.63 -1.72 7.67
CA LEU B 123 27.68 -2.96 8.43
C LEU B 123 29.09 -3.27 8.88
N THR B 124 30.06 -3.07 8.00
CA THR B 124 31.41 -3.58 8.17
C THR B 124 32.44 -2.47 8.40
N THR B 125 32.02 -1.19 8.35
CA THR B 125 32.79 -0.11 8.95
C THR B 125 32.41 0.06 10.42
N ALA B 126 31.96 -1.01 11.06
CA ALA B 126 31.14 -0.92 12.26
C ALA B 126 32.01 -0.88 13.51
N ALA B 127 32.06 0.30 14.12
CA ALA B 127 32.60 0.47 15.45
C ALA B 127 31.51 0.66 16.49
N LYS B 128 30.35 0.02 16.31
CA LYS B 128 29.20 0.25 17.18
C LYS B 128 28.07 -0.67 16.75
N LEU B 129 27.17 -0.97 17.67
CA LEU B 129 25.99 -1.76 17.34
C LEU B 129 24.91 -1.52 18.40
N MET B 130 23.71 -1.17 17.94
CA MET B 130 22.59 -0.80 18.78
C MET B 130 21.47 -1.82 18.61
N VAL B 131 21.15 -2.55 19.68
CA VAL B 131 20.10 -3.56 19.69
C VAL B 131 18.92 -3.03 20.47
N VAL B 132 17.81 -2.83 19.77
CA VAL B 132 16.56 -2.34 20.36
C VAL B 132 15.63 -3.53 20.47
N ILE B 133 15.41 -3.98 21.70
CA ILE B 133 14.64 -5.21 21.98
C ILE B 133 13.31 -4.81 22.58
N PRO B 134 12.30 -5.72 22.61
CA PRO B 134 10.99 -5.41 23.22
C PRO B 134 10.82 -5.64 24.71
N ASP B 135 11.54 -6.60 25.30
CA ASP B 135 11.10 -7.21 26.55
C ASP B 135 12.33 -7.65 27.34
N TYR B 136 12.17 -8.67 28.17
CA TYR B 136 13.29 -9.35 28.80
C TYR B 136 13.64 -10.66 28.08
N ASN B 137 12.63 -11.32 27.52
CA ASN B 137 12.85 -12.57 26.78
C ASN B 137 13.82 -12.36 25.63
N THR B 138 13.82 -11.17 25.04
CA THR B 138 14.70 -10.90 23.91
C THR B 138 16.09 -10.51 24.37
N TYR B 139 16.19 -9.56 25.30
CA TYR B 139 17.49 -9.14 25.81
C TYR B 139 18.27 -10.31 26.39
N LYS B 140 17.58 -11.32 26.92
CA LYS B 140 18.28 -12.49 27.41
C LYS B 140 18.92 -13.27 26.27
N ASN B 141 18.10 -13.74 25.33
CA ASN B 141 18.56 -14.53 24.19
C ASN B 141 19.38 -13.72 23.19
N THR B 142 19.52 -12.40 23.40
CA THR B 142 20.26 -11.54 22.49
C THR B 142 21.57 -11.08 23.09
N CYS B 143 21.54 -10.37 24.21
CA CYS B 143 22.73 -9.84 24.85
C CYS B 143 23.11 -10.71 26.04
N ASP B 144 23.38 -11.99 25.81
CA ASP B 144 23.69 -12.91 26.91
C ASP B 144 25.10 -12.67 27.43
N GLY B 145 25.18 -12.06 28.61
CA GLY B 145 26.42 -11.67 29.22
C GLY B 145 26.71 -10.19 29.06
N THR B 146 27.99 -9.82 29.07
CA THR B 146 28.44 -8.48 28.74
C THR B 146 29.24 -8.46 27.43
N THR B 147 29.15 -9.53 26.64
CA THR B 147 29.74 -9.57 25.31
C THR B 147 29.17 -10.80 24.59
N PHE B 148 29.22 -10.75 23.26
CA PHE B 148 28.50 -11.72 22.44
C PHE B 148 29.04 -11.63 21.03
N THR B 149 28.34 -12.26 20.08
CA THR B 149 28.67 -12.18 18.67
C THR B 149 27.41 -11.85 17.87
N TYR B 150 27.59 -11.07 16.82
CA TYR B 150 26.49 -10.63 15.95
C TYR B 150 26.70 -11.20 14.56
N ALA B 151 26.11 -12.37 14.32
CA ALA B 151 26.21 -13.08 13.05
C ALA B 151 27.68 -13.28 12.65
N SER B 152 28.38 -14.07 13.46
CA SER B 152 29.75 -14.50 13.17
C SER B 152 30.71 -13.30 13.22
N ALA B 153 30.61 -12.52 14.30
CA ALA B 153 31.51 -11.40 14.53
C ALA B 153 31.20 -10.86 15.92
N LEU B 154 32.26 -10.45 16.64
CA LEU B 154 32.18 -10.29 18.08
C LEU B 154 31.91 -8.84 18.49
N TRP B 155 31.33 -8.69 19.69
CA TRP B 155 30.85 -7.42 20.20
C TRP B 155 30.93 -7.40 21.72
N GLU B 156 31.17 -6.23 22.28
CA GLU B 156 31.29 -6.03 23.72
C GLU B 156 30.18 -5.11 24.19
N ILE B 157 29.44 -5.54 25.20
CA ILE B 157 28.31 -4.77 25.70
C ILE B 157 28.86 -3.63 26.56
N GLN B 158 28.63 -2.40 26.13
CA GLN B 158 29.01 -1.20 26.88
C GLN B 158 27.87 -0.71 27.76
N GLN B 159 26.74 -0.35 27.17
CA GLN B 159 25.76 0.50 27.84
C GLN B 159 24.35 0.12 27.40
N VAL B 160 23.39 0.24 28.32
CA VAL B 160 22.01 -0.18 28.08
C VAL B 160 21.06 0.85 28.69
N VAL B 161 19.92 1.05 28.03
CA VAL B 161 18.78 1.78 28.58
C VAL B 161 17.52 1.05 28.13
N ASP B 162 16.35 1.57 28.52
CA ASP B 162 15.14 0.75 28.59
C ASP B 162 13.89 1.39 28.00
N ALA B 163 13.97 1.89 26.77
CA ALA B 163 12.85 2.40 26.00
C ALA B 163 12.41 3.77 26.47
N ASP B 164 12.92 4.29 27.59
CA ASP B 164 12.69 5.67 27.98
C ASP B 164 13.93 6.28 28.62
N SER B 165 15.10 5.68 28.44
CA SER B 165 16.38 6.30 28.73
C SER B 165 16.60 6.50 30.23
N LYS B 166 16.35 5.45 31.01
CA LYS B 166 16.86 5.34 32.37
C LYS B 166 17.78 4.13 32.44
N ILE B 167 18.96 4.32 33.02
CA ILE B 167 20.03 3.34 32.98
C ILE B 167 19.58 2.06 33.67
N VAL B 168 20.04 0.92 33.16
CA VAL B 168 19.78 -0.38 33.76
C VAL B 168 21.09 -1.15 33.86
N GLN B 169 21.05 -2.25 34.61
CA GLN B 169 22.17 -3.15 34.76
C GLN B 169 21.78 -4.54 34.30
N LEU B 170 22.78 -5.37 34.05
CA LEU B 170 22.52 -6.78 33.81
C LEU B 170 21.94 -7.41 35.06
N SER B 171 22.37 -6.94 36.23
CA SER B 171 21.81 -7.39 37.50
C SER B 171 20.34 -7.07 37.60
N GLU B 172 19.95 -5.84 37.32
CA GLU B 172 18.55 -5.47 37.43
C GLU B 172 17.73 -6.16 36.36
N ILE B 173 18.31 -6.39 35.20
CA ILE B 173 17.59 -7.06 34.13
C ILE B 173 17.60 -8.55 34.43
N SER B 174 16.48 -9.05 34.94
CA SER B 174 16.30 -10.46 35.23
C SER B 174 14.83 -10.79 35.10
N MET B 175 14.52 -12.08 35.14
CA MET B 175 13.13 -12.51 35.05
C MET B 175 12.36 -12.08 36.30
N ASP B 176 13.07 -11.75 37.37
CA ASP B 176 12.41 -11.27 38.59
C ASP B 176 11.75 -9.93 38.35
N ASN B 177 12.54 -8.89 38.19
CA ASN B 177 12.01 -7.53 38.11
C ASN B 177 11.77 -7.13 36.68
N SER B 178 11.09 -8.00 35.96
CA SER B 178 10.68 -7.72 34.59
C SER B 178 9.61 -6.64 34.54
N PRO B 179 8.55 -6.72 35.37
CA PRO B 179 7.52 -5.67 35.34
C PRO B 179 7.83 -4.48 36.25
N ASN B 180 9.06 -3.99 36.19
CA ASN B 180 9.34 -2.59 36.47
C ASN B 180 10.10 -1.96 35.31
N LEU B 181 10.19 -2.66 34.19
CA LEU B 181 10.85 -2.15 33.00
C LEU B 181 9.86 -1.40 32.14
N ALA B 182 10.36 -0.40 31.43
CA ALA B 182 9.87 -0.18 30.09
C ALA B 182 10.55 -1.24 29.27
N TRP B 183 9.89 -2.40 29.15
CA TRP B 183 10.39 -3.69 28.68
C TRP B 183 11.38 -3.60 27.53
N PRO B 184 11.17 -2.70 26.56
CA PRO B 184 12.15 -2.61 25.46
C PRO B 184 13.46 -2.01 25.94
N LEU B 185 14.56 -2.41 25.31
CA LEU B 185 15.88 -1.95 25.73
C LEU B 185 16.74 -1.59 24.55
N ILE B 186 17.39 -0.42 24.65
CA ILE B 186 18.38 0.05 23.69
C ILE B 186 19.75 -0.31 24.25
N VAL B 187 20.44 -1.23 23.57
CA VAL B 187 21.64 -1.88 24.07
C VAL B 187 22.76 -1.55 23.09
N THR B 188 23.63 -0.60 23.46
CA THR B 188 24.77 -0.23 22.62
C THR B 188 26.00 -1.00 23.06
N ALA B 189 26.50 -1.83 22.15
CA ALA B 189 27.69 -2.66 22.33
C ALA B 189 28.74 -2.24 21.32
N LEU B 190 29.99 -2.52 21.64
CA LEU B 190 31.14 -2.05 20.90
C LEU B 190 32.00 -3.22 20.49
N ARG B 191 32.54 -3.15 19.29
CA ARG B 191 33.35 -4.23 18.75
C ARG B 191 34.71 -4.22 19.44
N ALA B 192 35.37 -5.37 19.42
CA ALA B 192 36.72 -5.46 19.94
C ALA B 192 37.72 -4.82 18.98
N LYS C 3 -27.39 8.62 29.12
CA LYS C 3 -26.09 9.23 29.36
C LYS C 3 -24.95 8.32 28.93
N MET C 4 -24.92 7.94 27.65
CA MET C 4 -23.78 7.23 27.10
C MET C 4 -22.96 8.11 26.19
N SER C 5 -23.61 8.88 25.31
CA SER C 5 -22.96 9.90 24.51
C SER C 5 -22.23 10.92 25.36
N ASP C 6 -22.93 11.46 26.37
CA ASP C 6 -22.35 12.51 27.19
C ASP C 6 -21.09 12.01 27.88
N VAL C 7 -21.11 10.80 28.41
CA VAL C 7 -19.95 10.37 29.18
C VAL C 7 -18.85 9.87 28.25
N LYS C 8 -19.17 9.53 27.01
CA LYS C 8 -18.09 9.36 26.03
C LYS C 8 -17.36 10.67 25.81
N CYS C 9 -18.13 11.75 25.62
CA CYS C 9 -17.51 13.07 25.59
C CYS C 9 -16.68 13.34 26.85
N THR C 10 -17.18 12.87 28.00
CA THR C 10 -16.44 13.02 29.25
C THR C 10 -15.11 12.31 29.16
N SER C 11 -15.12 11.04 28.76
CA SER C 11 -13.89 10.26 28.62
C SER C 11 -12.89 10.96 27.73
N VAL C 12 -13.39 11.58 26.66
CA VAL C 12 -12.50 12.23 25.70
C VAL C 12 -11.81 13.41 26.34
N VAL C 13 -12.57 14.32 26.97
CA VAL C 13 -11.91 15.46 27.61
C VAL C 13 -11.00 14.99 28.73
N LEU C 14 -11.36 13.89 29.37
CA LEU C 14 -10.56 13.36 30.46
C LEU C 14 -9.21 12.92 29.97
N LEU C 15 -9.18 12.16 28.88
CA LEU C 15 -7.91 11.71 28.33
C LEU C 15 -7.14 12.85 27.68
N SER C 16 -7.85 13.87 27.21
CA SER C 16 -7.17 15.08 26.76
C SER C 16 -6.36 15.71 27.87
N VAL C 17 -7.01 16.07 28.97
CA VAL C 17 -6.30 16.69 30.09
C VAL C 17 -5.27 15.73 30.65
N LEU C 18 -5.53 14.43 30.56
CA LEU C 18 -4.53 13.44 30.94
C LEU C 18 -3.28 13.61 30.08
N GLN C 19 -3.46 13.87 28.79
CA GLN C 19 -2.33 14.13 27.93
C GLN C 19 -1.66 15.44 28.30
N GLN C 20 -2.43 16.39 28.82
CA GLN C 20 -1.88 17.71 29.09
C GLN C 20 -0.82 17.70 30.18
N LEU C 21 -0.73 16.62 30.95
CA LEU C 21 0.12 16.57 32.13
C LEU C 21 1.19 15.49 32.06
N ARG C 22 1.61 15.10 30.86
CA ARG C 22 2.84 14.34 30.65
C ARG C 22 2.77 12.94 31.29
N VAL C 23 1.85 12.14 30.79
CA VAL C 23 1.81 10.72 31.10
C VAL C 23 2.61 9.90 30.11
N GLU C 24 2.62 10.36 28.85
CA GLU C 24 3.40 9.72 27.80
C GLU C 24 4.85 9.49 28.22
N SER C 25 5.41 10.37 29.04
CA SER C 25 6.78 10.21 29.49
C SER C 25 6.98 8.92 30.27
N SER C 26 6.00 8.52 31.06
CA SER C 26 5.99 7.24 31.73
C SER C 26 5.14 6.32 30.87
N SER C 27 5.80 5.45 30.11
CA SER C 27 5.21 4.82 28.95
C SER C 27 3.93 4.06 29.26
N LYS C 28 4.03 3.01 30.07
CA LYS C 28 2.91 2.09 30.23
C LYS C 28 1.72 2.77 30.90
N LEU C 29 1.96 3.84 31.65
CA LEU C 29 0.86 4.65 32.14
C LEU C 29 0.00 5.13 30.99
N TRP C 30 0.63 5.76 30.00
CA TRP C 30 -0.06 6.20 28.81
C TRP C 30 -0.70 5.03 28.09
N ALA C 31 -0.01 3.89 28.03
CA ALA C 31 -0.58 2.72 27.37
C ALA C 31 -1.89 2.30 28.02
N GLN C 32 -1.92 2.23 29.35
CA GLN C 32 -3.14 1.88 30.06
C GLN C 32 -4.27 2.85 29.73
N CYS C 33 -4.01 4.15 29.90
CA CYS C 33 -5.11 5.11 29.74
C CYS C 33 -5.63 5.09 28.32
N VAL C 34 -4.73 4.92 27.36
CA VAL C 34 -5.13 4.88 25.96
C VAL C 34 -5.98 3.65 25.68
N GLN C 35 -5.60 2.49 26.21
CA GLN C 35 -6.42 1.31 26.00
C GLN C 35 -7.80 1.50 26.61
N LEU C 36 -7.85 2.13 27.79
CA LEU C 36 -9.14 2.36 28.44
C LEU C 36 -10.05 3.19 27.55
N HIS C 37 -9.55 4.30 27.02
CA HIS C 37 -10.44 5.17 26.25
C HIS C 37 -10.81 4.55 24.90
N ASN C 38 -9.85 3.92 24.23
CA ASN C 38 -10.16 3.23 22.98
C ASN C 38 -11.21 2.16 23.19
N ASP C 39 -11.28 1.60 24.39
CA ASP C 39 -12.38 0.69 24.72
C ASP C 39 -13.64 1.43 25.16
N ILE C 40 -13.51 2.60 25.78
CA ILE C 40 -14.68 3.28 26.32
C ILE C 40 -15.58 3.73 25.21
N LEU C 41 -15.02 4.13 24.08
CA LEU C 41 -15.89 4.65 23.03
C LEU C 41 -16.68 3.56 22.33
N LEU C 42 -16.42 2.30 22.63
CA LEU C 42 -17.12 1.18 22.04
C LEU C 42 -18.37 0.79 22.82
N ALA C 43 -18.88 1.69 23.66
CA ALA C 43 -19.84 1.32 24.70
C ALA C 43 -21.14 0.80 24.13
N LYS C 44 -21.60 -0.32 24.69
CA LYS C 44 -22.93 -0.86 24.42
C LYS C 44 -23.70 -1.12 25.70
N ASP C 45 -23.09 -1.79 26.68
CA ASP C 45 -23.60 -1.88 28.03
C ASP C 45 -22.88 -0.84 28.90
N THR C 46 -23.66 -0.04 29.63
CA THR C 46 -23.13 1.13 30.30
C THR C 46 -22.48 0.78 31.64
N THR C 47 -22.78 -0.38 32.20
CA THR C 47 -22.14 -0.76 33.46
C THR C 47 -20.63 -0.92 33.26
N GLU C 48 -20.23 -1.55 32.16
CA GLU C 48 -18.82 -1.63 31.83
C GLU C 48 -18.24 -0.25 31.59
N ALA C 49 -19.02 0.64 30.99
CA ALA C 49 -18.53 1.99 30.71
C ALA C 49 -18.24 2.73 32.01
N PHE C 50 -19.13 2.61 32.98
CA PHE C 50 -18.90 3.20 34.29
C PHE C 50 -17.71 2.55 35.00
N GLU C 51 -17.54 1.23 34.85
CA GLU C 51 -16.39 0.56 35.43
C GLU C 51 -15.09 1.12 34.86
N LYS C 52 -15.02 1.25 33.55
CA LYS C 52 -13.80 1.73 32.92
C LYS C 52 -13.58 3.20 33.22
N MET C 53 -14.67 3.97 33.36
CA MET C 53 -14.57 5.34 33.85
C MET C 53 -13.87 5.38 35.19
N VAL C 54 -14.38 4.63 36.16
CA VAL C 54 -13.81 4.73 37.50
C VAL C 54 -12.36 4.26 37.49
N SER C 55 -12.03 3.30 36.62
CA SER C 55 -10.61 2.94 36.48
C SER C 55 -9.78 4.11 36.00
N LEU C 56 -10.19 4.74 34.89
CA LEU C 56 -9.50 5.92 34.37
C LEU C 56 -9.47 7.06 35.37
N LEU C 57 -10.42 7.09 36.29
CA LEU C 57 -10.44 8.12 37.32
C LEU C 57 -9.43 7.83 38.41
N SER C 58 -9.23 6.54 38.72
CA SER C 58 -8.36 6.16 39.83
C SER C 58 -6.96 6.72 39.67
N VAL C 59 -6.51 6.93 38.44
CA VAL C 59 -5.13 7.34 38.20
C VAL C 59 -5.00 8.86 38.23
N LEU C 60 -5.99 9.58 37.71
CA LEU C 60 -6.05 11.02 37.91
C LEU C 60 -6.07 11.32 39.39
N LEU C 61 -6.78 10.51 40.13
CA LEU C 61 -6.92 10.68 41.56
C LEU C 61 -5.64 10.32 42.28
N SER C 62 -4.92 9.32 41.77
CA SER C 62 -3.66 8.90 42.36
C SER C 62 -2.64 10.02 42.40
N MET C 63 -2.60 10.87 41.39
CA MET C 63 -1.59 11.92 41.30
C MET C 63 -2.11 13.19 41.94
N GLN C 64 -1.21 14.14 42.14
CA GLN C 64 -1.55 15.42 42.75
C GLN C 64 -1.65 16.52 41.70
N THR D 85 -7.15 26.03 27.52
CA THR D 85 -7.41 24.73 28.13
C THR D 85 -7.81 24.83 29.60
N SER D 86 -7.87 26.05 30.13
CA SER D 86 -8.37 26.23 31.49
C SER D 86 -9.84 25.90 31.59
N ALA D 87 -10.63 26.36 30.61
CA ALA D 87 -12.04 26.01 30.55
C ALA D 87 -12.27 24.53 30.33
N MET D 88 -11.28 23.80 29.81
CA MET D 88 -11.42 22.35 29.63
C MET D 88 -11.65 21.65 30.96
N GLN D 89 -10.85 22.03 31.96
CA GLN D 89 -11.00 21.44 33.28
C GLN D 89 -12.36 21.80 33.88
N THR D 90 -12.78 23.05 33.73
CA THR D 90 -14.03 23.50 34.30
C THR D 90 -15.22 22.80 33.66
N MET D 91 -15.19 22.68 32.33
CA MET D 91 -16.31 22.05 31.65
C MET D 91 -16.36 20.56 31.93
N LEU D 92 -15.21 19.91 32.09
CA LEU D 92 -15.23 18.52 32.53
C LEU D 92 -15.77 18.38 33.94
N PHE D 93 -15.44 19.35 34.81
CA PHE D 93 -16.02 19.33 36.15
C PHE D 93 -17.53 19.37 36.09
N THR D 94 -18.09 20.34 35.37
CA THR D 94 -19.54 20.43 35.25
C THR D 94 -20.10 19.21 34.54
N MET D 95 -19.34 18.65 33.60
CA MET D 95 -19.76 17.45 32.89
C MET D 95 -19.99 16.31 33.86
N LEU D 96 -18.98 16.03 34.68
CA LEU D 96 -19.07 14.97 35.66
C LEU D 96 -20.20 15.25 36.66
N ARG D 97 -20.32 16.52 37.07
CA ARG D 97 -21.41 16.87 37.98
C ARG D 97 -22.77 16.61 37.36
N LYS D 98 -22.85 16.68 36.03
CA LYS D 98 -24.09 16.35 35.34
C LYS D 98 -24.27 14.85 35.19
N LEU D 99 -23.16 14.10 35.14
CA LEU D 99 -23.28 12.66 34.93
C LEU D 99 -24.09 12.00 36.04
N ASP D 100 -23.98 12.52 37.26
CA ASP D 100 -24.90 12.19 38.35
C ASP D 100 -24.98 10.70 38.64
N ASN D 101 -23.85 10.01 38.46
CA ASN D 101 -23.72 8.61 38.87
C ASN D 101 -23.12 8.58 40.27
N ASP D 102 -23.59 7.61 41.07
CA ASP D 102 -23.31 7.62 42.50
C ASP D 102 -21.81 7.48 42.79
N ALA D 103 -21.16 6.52 42.13
CA ALA D 103 -19.77 6.20 42.42
C ALA D 103 -18.88 7.39 42.09
N LEU D 104 -19.07 7.95 40.89
CA LEU D 104 -18.26 9.09 40.48
C LEU D 104 -18.43 10.26 41.45
N ASN D 105 -19.65 10.49 41.94
CA ASN D 105 -19.89 11.65 42.79
C ASN D 105 -19.32 11.42 44.18
N ASN D 106 -19.49 10.22 44.72
CA ASN D 106 -18.85 9.88 45.99
C ASN D 106 -17.34 10.00 45.93
N ILE D 107 -16.73 9.62 44.81
CA ILE D 107 -15.28 9.73 44.73
C ILE D 107 -14.85 11.16 44.45
N ILE D 108 -15.72 11.98 43.86
CA ILE D 108 -15.44 13.42 43.83
C ILE D 108 -15.44 13.98 45.24
N ASN D 109 -16.38 13.52 46.06
CA ASN D 109 -16.38 13.93 47.46
C ASN D 109 -15.13 13.44 48.17
N ASN D 110 -14.69 12.23 47.85
CA ASN D 110 -13.47 11.67 48.38
C ASN D 110 -12.27 12.53 47.97
N ALA D 111 -12.29 13.00 46.73
CA ALA D 111 -11.24 13.82 46.14
C ALA D 111 -11.20 15.23 46.70
N ARG D 112 -12.36 15.81 47.01
CA ARG D 112 -12.41 17.14 47.59
C ARG D 112 -11.67 17.21 48.92
N ASP D 113 -11.56 16.08 49.61
CA ASP D 113 -10.73 15.94 50.80
C ASP D 113 -9.28 15.62 50.44
N GLY D 114 -8.93 15.68 49.14
CA GLY D 114 -7.60 15.29 48.70
C GLY D 114 -7.27 13.85 49.05
N CYS D 115 -8.30 13.01 49.08
CA CYS D 115 -8.17 11.64 49.53
C CYS D 115 -8.53 10.67 48.40
#